data_5FA1
#
_entry.id   5FA1
#
_cell.length_a   92.750
_cell.length_b   159.390
_cell.length_c   120.040
_cell.angle_alpha   90.00
_cell.angle_beta   90.00
_cell.angle_gamma   90.00
#
_symmetry.space_group_name_H-M   'C 2 2 21'
#
loop_
_entity.id
_entity.type
_entity.pdbx_description
1 polymer 'Putative N-acetyl glucosaminyl transferase'
2 non-polymer "CYTIDINE-5'-MONOPHOSPHATE"
3 water water
#
_entity_poly.entity_id   1
_entity_poly.type   'polypeptide(L)'
_entity_poly.pdbx_seq_one_letter_code
;MGLAVFLPPYPFRGLKAPYLWMFYKYLHCATDSILFITGEDYLSVTDDEAQRARWEFDPASMASLGYELPNAQSMACHEY
LTLDNAFYETLLSRHHHDPIKSFSAFLTERIPDLETELHALLDSKKGIIDQIDTFISICNCPSLEHVARTLGKEVMHIEI
GPLRAPMYRNTAYLDFAGVNGGTEASARYEKCQAEFDIKASLGDLHNYFLEVLPPAEAATHSAAGVVLQVEDDSNLIAYN
HDFTNISLLSYVRQRYEKEDILVRAHPGSLFRLRDDVFTIDDSANSLAFINQCNEVFTINSSVGLEAILTGKKTTVLGDC
SYAFINELAGASATVNAAAFYLFSYLVPFDLVFNQEYLKFRLGHPEEREIVGKHIEFYSADMPGSLSQAAHSLSSLINEA
ISLEHHHHHH
;
_entity_poly.pdbx_strand_id   A,B
#
# COMPACT_ATOMS: atom_id res chain seq x y z
N GLY A 2 14.87 9.36 -14.08
CA GLY A 2 14.89 10.53 -13.22
C GLY A 2 13.95 10.41 -12.03
N LEU A 3 13.90 11.47 -11.23
CA LEU A 3 13.04 11.53 -10.06
C LEU A 3 11.69 12.09 -10.41
N ALA A 4 10.64 11.59 -9.74
CA ALA A 4 9.33 12.21 -9.80
C ALA A 4 8.96 12.70 -8.40
N VAL A 5 9.00 14.02 -8.20
CA VAL A 5 8.77 14.60 -6.88
C VAL A 5 7.34 15.12 -6.73
N PHE A 6 6.64 14.57 -5.76
CA PHE A 6 5.23 14.89 -5.52
C PHE A 6 5.11 15.97 -4.45
N LEU A 7 4.64 17.16 -4.84
CA LEU A 7 4.47 18.27 -3.92
C LEU A 7 3.08 18.89 -4.10
N PRO A 8 2.07 18.34 -3.41
CA PRO A 8 0.68 18.73 -3.63
C PRO A 8 0.38 20.18 -3.20
N PRO A 9 -0.48 20.88 -3.96
CA PRO A 9 -0.77 22.30 -3.69
C PRO A 9 -1.95 22.52 -2.73
N TYR A 10 -2.71 21.46 -2.46
CA TYR A 10 -3.92 21.56 -1.64
C TYR A 10 -3.64 22.27 -0.31
N PRO A 11 -4.26 23.45 -0.12
CA PRO A 11 -4.00 24.27 1.06
C PRO A 11 -4.79 23.80 2.28
N PHE A 12 -4.53 22.58 2.74
CA PHE A 12 -5.27 21.99 3.85
C PHE A 12 -5.18 22.87 5.09
N ARG A 13 -4.05 23.55 5.26
CA ARG A 13 -3.82 24.37 6.44
C ARG A 13 -3.79 25.86 6.13
N GLY A 14 -4.42 26.23 5.02
CA GLY A 14 -4.62 27.62 4.67
C GLY A 14 -3.44 28.31 4.02
N LEU A 15 -2.45 27.55 3.60
CA LEU A 15 -1.26 28.10 2.96
C LEU A 15 -1.06 27.58 1.53
N LYS A 16 -0.93 28.48 0.57
CA LYS A 16 -0.63 28.11 -0.81
C LYS A 16 0.79 27.57 -0.89
N ALA A 17 1.01 26.63 -1.81
CA ALA A 17 2.29 25.94 -1.98
C ALA A 17 2.92 25.53 -0.64
N PRO A 18 2.22 24.70 0.14
CA PRO A 18 2.68 24.40 1.50
C PRO A 18 4.09 23.79 1.56
N TYR A 19 4.52 23.11 0.50
CA TYR A 19 5.81 22.43 0.52
C TYR A 19 6.86 23.11 -0.35
N LEU A 20 6.74 24.42 -0.45
CA LEU A 20 7.61 25.24 -1.29
C LEU A 20 9.10 25.06 -0.98
N TRP A 21 9.45 24.88 0.28
CA TRP A 21 10.86 24.80 0.66
C TRP A 21 11.53 23.59 0.02
N MET A 22 10.80 22.48 -0.03
CA MET A 22 11.32 21.24 -0.64
C MET A 22 11.47 21.41 -2.14
N PHE A 23 10.52 22.10 -2.76
CA PHE A 23 10.58 22.44 -4.17
C PHE A 23 11.88 23.20 -4.48
N TYR A 24 12.18 24.21 -3.66
CA TYR A 24 13.37 25.03 -3.85
C TYR A 24 14.66 24.26 -3.57
N LYS A 25 14.62 23.34 -2.61
CA LYS A 25 15.79 22.56 -2.26
C LYS A 25 16.16 21.57 -3.36
N TYR A 26 15.16 20.86 -3.89
CA TYR A 26 15.40 19.92 -4.98
C TYR A 26 15.88 20.64 -6.24
N LEU A 27 15.34 21.82 -6.49
CA LEU A 27 15.80 22.62 -7.61
C LEU A 27 17.26 23.01 -7.45
N HIS A 28 17.63 23.44 -6.25
CA HIS A 28 18.98 23.94 -5.97
C HIS A 28 20.03 22.83 -6.03
N CYS A 29 19.66 21.63 -5.61
CA CYS A 29 20.59 20.51 -5.54
C CYS A 29 20.53 19.61 -6.76
N ALA A 30 19.77 20.02 -7.77
CA ALA A 30 19.52 19.19 -8.94
C ALA A 30 20.76 19.02 -9.81
N THR A 31 20.98 17.81 -10.28
CA THR A 31 22.07 17.51 -11.20
C THR A 31 21.52 16.99 -12.52
N ASP A 32 20.28 16.52 -12.49
CA ASP A 32 19.59 16.03 -13.68
C ASP A 32 18.17 16.59 -13.74
N SER A 33 17.46 16.30 -14.82
CA SER A 33 16.09 16.76 -14.98
C SER A 33 15.15 16.03 -14.02
N ILE A 34 14.31 16.81 -13.33
CA ILE A 34 13.36 16.24 -12.38
C ILE A 34 11.93 16.46 -12.87
N LEU A 35 11.09 15.45 -12.71
CA LEU A 35 9.67 15.62 -12.95
C LEU A 35 8.98 16.04 -11.67
N PHE A 36 8.39 17.23 -11.69
CA PHE A 36 7.67 17.73 -10.52
C PHE A 36 6.17 17.58 -10.71
N ILE A 37 5.54 16.84 -9.80
CA ILE A 37 4.08 16.74 -9.76
C ILE A 37 3.58 17.64 -8.66
N THR A 38 3.06 18.80 -9.03
CA THR A 38 2.83 19.84 -8.04
C THR A 38 1.66 20.72 -8.48
N GLY A 39 1.64 21.97 -8.05
CA GLY A 39 0.60 22.90 -8.45
C GLY A 39 1.15 24.18 -9.03
N GLU A 40 0.31 24.91 -9.75
CA GLU A 40 0.71 26.18 -10.37
C GLU A 40 1.16 27.21 -9.34
N ASP A 41 0.63 27.12 -8.13
CA ASP A 41 0.99 28.03 -7.03
C ASP A 41 2.49 27.99 -6.75
N TYR A 42 3.10 26.81 -6.94
CA TYR A 42 4.52 26.64 -6.66
C TYR A 42 5.38 27.42 -7.64
N LEU A 43 4.82 27.72 -8.81
CA LEU A 43 5.57 28.39 -9.86
C LEU A 43 5.37 29.89 -9.85
N SER A 44 4.19 30.33 -9.39
CA SER A 44 3.83 31.74 -9.43
C SER A 44 4.05 32.45 -8.10
N VAL A 45 4.46 31.70 -7.07
CA VAL A 45 4.57 32.28 -5.73
C VAL A 45 5.63 33.40 -5.65
N THR A 46 6.67 33.29 -6.46
CA THR A 46 7.80 34.22 -6.40
C THR A 46 7.44 35.61 -6.94
N ASP A 47 6.39 35.68 -7.74
CA ASP A 47 5.96 36.95 -8.32
C ASP A 47 4.72 37.47 -7.61
N ASP A 48 4.21 36.69 -6.66
CA ASP A 48 3.10 37.13 -5.84
C ASP A 48 3.61 38.05 -4.74
N GLU A 49 3.26 39.33 -4.85
CA GLU A 49 3.73 40.36 -3.94
C GLU A 49 3.17 40.18 -2.52
N ALA A 50 2.00 39.55 -2.44
CA ALA A 50 1.33 39.35 -1.17
C ALA A 50 1.96 38.22 -0.34
N GLN A 51 2.88 37.49 -0.96
CA GLN A 51 3.51 36.37 -0.28
C GLN A 51 5.01 36.58 0.00
N ARG A 52 5.52 37.78 -0.23
CA ARG A 52 6.96 38.00 -0.08
C ARG A 52 7.48 37.94 1.35
N ALA A 53 6.57 37.92 2.32
CA ALA A 53 6.99 37.83 3.71
C ALA A 53 7.04 36.37 4.17
N ARG A 54 6.89 35.44 3.25
CA ARG A 54 6.95 34.01 3.57
C ARG A 54 8.34 33.60 4.03
N TRP A 55 8.40 32.69 5.00
CA TRP A 55 9.67 32.30 5.58
C TRP A 55 10.60 31.65 4.57
N GLU A 56 10.03 31.05 3.53
CA GLU A 56 10.83 30.40 2.50
C GLU A 56 11.70 31.40 1.74
N PHE A 57 11.33 32.67 1.79
CA PHE A 57 12.11 33.74 1.15
C PHE A 57 13.03 34.45 2.15
N ASP A 58 12.99 34.03 3.40
CA ASP A 58 13.86 34.59 4.42
C ASP A 58 15.27 34.04 4.25
N PRO A 59 16.25 34.94 4.02
CA PRO A 59 17.66 34.54 3.85
C PRO A 59 18.21 33.67 4.99
N ALA A 60 17.68 33.83 6.19
CA ALA A 60 18.11 33.02 7.32
C ALA A 60 17.62 31.59 7.18
N SER A 61 16.41 31.44 6.63
CA SER A 61 15.84 30.12 6.44
C SER A 61 16.51 29.40 5.27
N MET A 62 16.79 30.16 4.19
CA MET A 62 17.52 29.63 3.04
C MET A 62 18.87 29.06 3.46
N ALA A 63 19.59 29.83 4.27
CA ALA A 63 20.93 29.45 4.70
C ALA A 63 20.89 28.22 5.61
N SER A 64 19.86 28.16 6.45
CA SER A 64 19.71 27.06 7.39
C SER A 64 19.41 25.75 6.66
N LEU A 65 18.61 25.82 5.61
CA LEU A 65 18.22 24.63 4.86
C LEU A 65 19.15 24.39 3.65
N GLY A 66 20.00 25.37 3.36
CA GLY A 66 21.00 25.21 2.31
C GLY A 66 20.49 25.28 0.88
N TYR A 67 19.66 26.29 0.60
CA TYR A 67 19.22 26.51 -0.78
C TYR A 67 19.15 27.99 -1.11
N GLU A 68 19.14 28.31 -2.39
CA GLU A 68 18.91 29.67 -2.85
C GLU A 68 17.71 29.66 -3.81
N LEU A 69 17.12 30.83 -4.00
CA LEU A 69 15.94 30.95 -4.86
C LEU A 69 16.28 30.61 -6.31
N PRO A 70 15.36 29.92 -7.00
CA PRO A 70 15.57 29.53 -8.39
C PRO A 70 15.32 30.67 -9.37
N ASN A 71 16.12 30.73 -10.43
CA ASN A 71 15.86 31.66 -11.53
C ASN A 71 15.21 30.92 -12.69
N ALA A 72 14.82 31.66 -13.73
CA ALA A 72 14.14 31.09 -14.88
C ALA A 72 14.94 29.96 -15.51
N GLN A 73 16.26 30.10 -15.49
CA GLN A 73 17.15 29.07 -16.03
C GLN A 73 17.04 27.76 -15.23
N SER A 74 17.11 27.87 -13.91
CA SER A 74 17.02 26.71 -13.04
C SER A 74 15.70 25.96 -13.20
N MET A 75 14.62 26.71 -13.34
CA MET A 75 13.27 26.16 -13.53
C MET A 75 13.15 25.36 -14.82
N ALA A 76 13.78 25.87 -15.88
CA ALA A 76 13.62 25.35 -17.24
C ALA A 76 14.28 23.99 -17.44
N CYS A 77 15.14 23.59 -16.50
CA CYS A 77 15.83 22.31 -16.58
C CYS A 77 14.92 21.12 -16.28
N HIS A 78 13.68 21.39 -15.88
CA HIS A 78 12.83 20.33 -15.34
C HIS A 78 11.44 20.28 -15.97
N GLU A 79 10.75 19.15 -15.77
CA GLU A 79 9.41 18.98 -16.31
C GLU A 79 8.37 19.13 -15.22
N TYR A 80 7.18 19.60 -15.59
CA TYR A 80 6.15 19.90 -14.62
C TYR A 80 4.79 19.32 -14.99
N LEU A 81 4.13 18.72 -14.01
CA LEU A 81 2.74 18.31 -14.15
C LEU A 81 1.96 19.01 -13.03
N THR A 82 0.89 19.72 -13.38
CA THR A 82 0.17 20.48 -12.36
C THR A 82 -1.20 19.90 -12.10
N LEU A 83 -1.51 19.76 -10.81
CA LEU A 83 -2.80 19.27 -10.33
C LEU A 83 -3.81 20.42 -10.27
N ASP A 84 -5.08 20.09 -10.52
CA ASP A 84 -6.15 21.08 -10.60
C ASP A 84 -6.84 21.29 -9.24
N ASN A 85 -7.35 22.50 -9.01
CA ASN A 85 -7.97 22.82 -7.72
C ASN A 85 -9.42 22.33 -7.56
N ALA A 86 -10.12 22.11 -8.67
CA ALA A 86 -11.52 21.67 -8.64
C ALA A 86 -11.70 20.40 -7.81
N PHE A 87 -10.64 19.60 -7.73
CA PHE A 87 -10.66 18.40 -6.91
C PHE A 87 -10.62 18.73 -5.42
N TYR A 88 -9.87 19.77 -5.06
CA TYR A 88 -9.74 20.16 -3.66
C TYR A 88 -11.05 20.66 -3.07
N GLU A 89 -11.77 21.48 -3.85
CA GLU A 89 -13.10 21.91 -3.48
C GLU A 89 -14.02 20.70 -3.34
N THR A 90 -13.94 19.81 -4.32
CA THR A 90 -14.74 18.60 -4.32
C THR A 90 -14.35 17.70 -3.14
N LEU A 91 -13.07 17.67 -2.82
CA LEU A 91 -12.59 16.90 -1.68
C LEU A 91 -13.18 17.46 -0.39
N LEU A 92 -13.12 18.78 -0.22
CA LEU A 92 -13.73 19.41 0.94
C LEU A 92 -15.21 19.07 1.04
N SER A 93 -15.90 19.16 -0.09
CA SER A 93 -17.33 18.86 -0.18
C SER A 93 -17.68 17.49 0.38
N ARG A 94 -16.76 16.55 0.24
CA ARG A 94 -17.02 15.16 0.60
C ARG A 94 -16.59 14.87 2.04
N HIS A 95 -16.14 15.90 2.74
CA HIS A 95 -15.73 15.74 4.13
C HIS A 95 -16.25 16.88 4.99
N HIS A 96 -17.52 17.23 4.75
CA HIS A 96 -18.23 18.24 5.54
C HIS A 96 -17.52 19.58 5.58
N HIS A 97 -16.78 19.87 4.51
CA HIS A 97 -16.04 21.13 4.37
C HIS A 97 -15.02 21.33 5.49
N ASP A 98 -14.57 20.22 6.06
CA ASP A 98 -13.52 20.22 7.08
C ASP A 98 -12.17 19.94 6.42
N PRO A 99 -11.33 20.97 6.30
CA PRO A 99 -10.04 20.86 5.61
C PRO A 99 -9.07 19.95 6.36
N ILE A 100 -9.22 19.86 7.68
CA ILE A 100 -8.36 19.01 8.47
C ILE A 100 -8.74 17.55 8.28
N LYS A 101 -10.04 17.25 8.23
CA LYS A 101 -10.45 15.88 7.99
C LYS A 101 -10.18 15.48 6.54
N SER A 102 -10.26 16.45 5.64
CA SER A 102 -9.86 16.24 4.24
C SER A 102 -8.36 15.95 4.13
N PHE A 103 -7.56 16.64 4.93
CA PHE A 103 -6.11 16.38 4.99
C PHE A 103 -5.89 14.96 5.51
N SER A 104 -6.60 14.59 6.57
CA SER A 104 -6.50 13.25 7.13
C SER A 104 -6.80 12.17 6.10
N ALA A 105 -7.81 12.41 5.26
CA ALA A 105 -8.16 11.42 4.23
C ALA A 105 -7.05 11.32 3.20
N PHE A 106 -6.51 12.47 2.81
CA PHE A 106 -5.41 12.57 1.86
C PHE A 106 -4.21 11.75 2.33
N LEU A 107 -3.95 11.78 3.64
CA LEU A 107 -2.80 11.13 4.23
C LEU A 107 -2.98 9.63 4.45
N THR A 108 -4.22 9.21 4.66
CA THR A 108 -4.48 7.85 5.16
C THR A 108 -5.44 7.02 4.32
N GLU A 109 -6.05 7.62 3.29
CA GLU A 109 -7.01 6.89 2.46
C GLU A 109 -6.73 7.07 0.98
N ARG A 110 -7.14 6.08 0.18
CA ARG A 110 -7.12 6.22 -1.26
C ARG A 110 -8.21 7.19 -1.70
N ILE A 111 -7.92 8.00 -2.71
CA ILE A 111 -8.91 8.91 -3.29
C ILE A 111 -8.95 8.69 -4.80
N PRO A 112 -9.94 7.92 -5.27
CA PRO A 112 -10.04 7.51 -6.68
C PRO A 112 -9.87 8.67 -7.67
N ASP A 113 -10.53 9.80 -7.40
CA ASP A 113 -10.41 10.98 -8.27
C ASP A 113 -8.97 11.46 -8.38
N LEU A 114 -8.26 11.48 -7.25
CA LEU A 114 -6.85 11.87 -7.28
C LEU A 114 -6.02 10.87 -8.09
N GLU A 115 -6.27 9.58 -7.89
CA GLU A 115 -5.54 8.54 -8.62
C GLU A 115 -5.76 8.68 -10.12
N THR A 116 -7.01 8.93 -10.51
CA THR A 116 -7.33 9.15 -11.92
C THR A 116 -6.51 10.31 -12.50
N GLU A 117 -6.55 11.46 -11.84
CA GLU A 117 -5.82 12.64 -12.32
C GLU A 117 -4.31 12.41 -12.36
N LEU A 118 -3.78 11.70 -11.37
CA LEU A 118 -2.37 11.34 -11.36
C LEU A 118 -2.02 10.48 -12.58
N HIS A 119 -2.81 9.43 -12.82
CA HIS A 119 -2.60 8.58 -13.99
C HIS A 119 -2.67 9.38 -15.28
N ALA A 120 -3.64 10.30 -15.38
CA ALA A 120 -3.80 11.09 -16.59
C ALA A 120 -2.63 12.04 -16.82
N LEU A 121 -2.15 12.67 -15.76
CA LEU A 121 -1.00 13.57 -15.85
C LEU A 121 0.25 12.82 -16.29
N LEU A 122 0.52 11.69 -15.65
CA LEU A 122 1.68 10.86 -15.98
C LEU A 122 1.61 10.32 -17.41
N ASP A 123 0.40 10.22 -17.95
CA ASP A 123 0.20 9.73 -19.31
C ASP A 123 0.13 10.87 -20.32
N SER A 124 0.04 12.10 -19.83
CA SER A 124 -0.16 13.26 -20.70
C SER A 124 0.97 13.39 -21.71
N LYS A 125 2.13 12.85 -21.38
CA LYS A 125 3.25 12.84 -22.30
C LYS A 125 3.91 11.46 -22.27
N LYS A 126 3.78 10.72 -23.36
CA LYS A 126 4.32 9.37 -23.43
C LYS A 126 5.85 9.40 -23.31
N GLY A 127 6.39 8.47 -22.52
CA GLY A 127 7.81 8.46 -22.24
C GLY A 127 8.09 8.83 -20.80
N ILE A 128 7.25 9.72 -20.26
CA ILE A 128 7.41 10.21 -18.89
C ILE A 128 7.50 9.09 -17.86
N ILE A 129 6.61 8.12 -17.95
CA ILE A 129 6.51 7.07 -16.93
C ILE A 129 7.77 6.23 -16.89
N ASP A 130 8.30 5.88 -18.06
CA ASP A 130 9.48 5.02 -18.08
C ASP A 130 10.77 5.78 -17.80
N GLN A 131 10.69 7.11 -17.76
CA GLN A 131 11.82 7.91 -17.31
C GLN A 131 11.93 7.89 -15.79
N ILE A 132 10.81 7.59 -15.14
CA ILE A 132 10.74 7.63 -13.67
C ILE A 132 11.44 6.43 -13.03
N ASP A 133 12.41 6.73 -12.16
CA ASP A 133 13.13 5.71 -11.41
C ASP A 133 12.47 5.51 -10.05
N THR A 134 11.88 6.58 -9.54
CA THR A 134 11.18 6.52 -8.26
C THR A 134 10.30 7.77 -8.07
N PHE A 135 9.23 7.60 -7.31
CA PHE A 135 8.46 8.74 -6.82
C PHE A 135 9.07 9.21 -5.52
N ILE A 136 8.90 10.50 -5.24
CA ILE A 136 9.26 11.04 -3.93
C ILE A 136 8.07 11.84 -3.41
N SER A 137 7.72 11.63 -2.15
CA SER A 137 6.63 12.37 -1.55
C SER A 137 7.04 12.86 -0.15
N ILE A 138 6.58 14.05 0.21
CA ILE A 138 6.92 14.62 1.51
C ILE A 138 6.00 14.07 2.59
N CYS A 139 4.93 13.41 2.17
CA CYS A 139 3.99 12.85 3.13
C CYS A 139 3.44 11.52 2.63
N ASN A 140 2.80 10.78 3.53
CA ASN A 140 2.09 9.59 3.13
C ASN A 140 0.94 9.97 2.22
N CYS A 141 0.71 9.19 1.17
CA CYS A 141 -0.39 9.44 0.26
C CYS A 141 -0.80 8.15 -0.45
N PRO A 142 -1.78 7.43 0.12
CA PRO A 142 -2.19 6.14 -0.45
C PRO A 142 -2.68 6.24 -1.90
N SER A 143 -3.19 7.40 -2.30
CA SER A 143 -3.58 7.60 -3.71
C SER A 143 -2.36 7.46 -4.63
N LEU A 144 -1.28 8.20 -4.30
CA LEU A 144 -0.04 8.13 -5.06
C LEU A 144 0.59 6.74 -5.01
N GLU A 145 0.58 6.14 -3.81
CA GLU A 145 1.17 4.83 -3.59
C GLU A 145 0.43 3.73 -4.36
N HIS A 146 -0.88 3.87 -4.50
CA HIS A 146 -1.68 2.92 -5.29
C HIS A 146 -1.34 3.06 -6.78
N VAL A 147 -1.25 4.30 -7.24
CA VAL A 147 -0.83 4.59 -8.60
C VAL A 147 0.56 4.00 -8.85
N ALA A 148 1.45 4.16 -7.88
CA ALA A 148 2.82 3.68 -8.02
C ALA A 148 2.91 2.17 -8.19
N ARG A 149 2.09 1.41 -7.46
CA ARG A 149 2.12 -0.05 -7.58
C ARG A 149 1.66 -0.50 -8.97
N THR A 150 0.58 0.12 -9.45
CA THR A 150 0.06 -0.18 -10.77
C THR A 150 1.13 0.01 -11.83
N LEU A 151 1.95 1.06 -11.64
CA LEU A 151 3.02 1.40 -12.59
C LEU A 151 4.36 0.73 -12.27
N GLY A 152 4.43 0.03 -11.14
CA GLY A 152 5.65 -0.64 -10.74
C GLY A 152 6.76 0.30 -10.28
N LYS A 153 6.39 1.42 -9.66
CA LYS A 153 7.39 2.36 -9.16
C LYS A 153 7.43 2.38 -7.64
N GLU A 154 8.60 2.67 -7.09
CA GLU A 154 8.75 2.80 -5.65
C GLU A 154 8.39 4.22 -5.20
N VAL A 155 8.09 4.38 -3.92
CA VAL A 155 7.79 5.69 -3.35
C VAL A 155 8.67 5.95 -2.15
N MET A 156 9.64 6.84 -2.30
CA MET A 156 10.42 7.28 -1.16
C MET A 156 9.65 8.40 -0.45
N HIS A 157 9.45 8.24 0.85
CA HIS A 157 8.84 9.28 1.65
C HIS A 157 9.94 10.07 2.36
N ILE A 158 10.02 11.36 2.05
CA ILE A 158 11.18 12.16 2.42
C ILE A 158 10.74 13.49 3.05
N GLU A 159 11.36 13.82 4.18
CA GLU A 159 10.95 14.95 4.99
C GLU A 159 12.15 15.41 5.83
N ILE A 160 12.16 16.67 6.25
CA ILE A 160 13.22 17.12 7.16
C ILE A 160 13.11 16.29 8.44
N GLY A 161 14.25 15.98 9.04
CA GLY A 161 14.29 15.05 10.16
C GLY A 161 14.04 15.70 11.51
N PRO A 162 14.23 14.92 12.58
CA PRO A 162 13.97 15.35 13.95
C PRO A 162 15.09 16.19 14.53
N LEU A 163 16.28 16.11 13.93
CA LEU A 163 17.44 16.90 14.34
C LEU A 163 17.80 17.92 13.26
N ARG A 164 17.78 19.20 13.63
CA ARG A 164 17.90 20.28 12.66
C ARG A 164 18.85 21.39 13.11
N ALA A 165 19.50 22.05 12.15
CA ALA A 165 20.30 23.23 12.42
C ALA A 165 19.42 24.33 13.04
N PRO A 166 20.01 25.20 13.87
CA PRO A 166 21.43 25.30 14.25
C PRO A 166 21.87 24.38 15.41
N MET A 167 20.92 23.82 16.16
CA MET A 167 21.28 23.02 17.34
C MET A 167 22.03 21.76 16.93
N TYR A 168 21.63 21.18 15.79
CA TYR A 168 22.16 19.89 15.37
C TYR A 168 22.62 19.90 13.92
N ARG A 169 23.37 18.87 13.53
CA ARG A 169 23.55 18.58 12.12
C ARG A 169 22.16 18.40 11.52
N ASN A 170 21.93 18.95 10.33
CA ASN A 170 20.68 18.74 9.61
C ASN A 170 20.47 17.26 9.26
N THR A 171 19.30 16.72 9.55
CA THR A 171 18.96 15.34 9.17
C THR A 171 17.68 15.29 8.35
N ALA A 172 17.42 14.13 7.74
CA ALA A 172 16.20 13.93 6.97
C ALA A 172 15.66 12.52 7.12
N TYR A 173 14.38 12.35 6.85
CA TYR A 173 13.79 11.02 6.74
C TYR A 173 13.84 10.57 5.29
N LEU A 174 14.07 9.28 5.10
CA LEU A 174 13.89 8.58 3.83
C LEU A 174 13.35 7.20 4.17
N ASP A 175 12.10 6.95 3.79
CA ASP A 175 11.40 5.73 4.20
C ASP A 175 10.54 5.24 3.03
N PHE A 176 10.70 3.97 2.65
CA PHE A 176 9.96 3.45 1.49
C PHE A 176 8.49 3.13 1.82
N ALA A 177 8.17 3.04 3.10
CA ALA A 177 6.83 2.64 3.53
C ALA A 177 5.96 3.83 3.95
N GLY A 178 6.53 4.74 4.74
CA GLY A 178 5.81 5.93 5.15
C GLY A 178 6.71 6.87 5.93
N VAL A 179 6.36 8.15 6.00
CA VAL A 179 7.14 9.07 6.81
C VAL A 179 6.28 9.49 8.02
N ASN A 180 6.92 9.53 9.19
CA ASN A 180 6.26 9.79 10.47
C ASN A 180 5.30 8.67 10.90
N GLY A 181 4.26 8.42 10.11
CA GLY A 181 3.39 7.29 10.38
C GLY A 181 3.70 6.13 9.46
N GLY A 182 3.54 4.90 9.94
CA GLY A 182 3.74 3.72 9.11
C GLY A 182 5.17 3.54 8.65
N THR A 183 6.11 3.96 9.49
CA THR A 183 7.53 3.92 9.16
C THR A 183 8.11 2.51 9.22
N GLU A 184 9.29 2.34 8.64
CA GLU A 184 9.94 1.03 8.60
C GLU A 184 11.21 0.99 9.45
N ALA A 185 11.40 2.00 10.31
CA ALA A 185 12.58 2.08 11.14
C ALA A 185 12.76 0.88 12.08
N SER A 186 11.70 0.50 12.79
CA SER A 186 11.80 -0.62 13.71
C SER A 186 12.02 -1.94 12.96
N ALA A 187 11.41 -2.05 11.78
CA ALA A 187 11.59 -3.28 10.99
C ALA A 187 13.03 -3.39 10.47
N ARG A 188 13.59 -2.27 10.04
CA ARG A 188 14.97 -2.30 9.56
C ARG A 188 15.90 -2.66 10.71
N TYR A 189 15.65 -2.10 11.90
CA TYR A 189 16.52 -2.36 13.03
C TYR A 189 16.52 -3.81 13.47
N GLU A 190 15.33 -4.40 13.55
CA GLU A 190 15.20 -5.78 14.01
C GLU A 190 15.95 -6.77 13.13
N LYS A 191 16.13 -6.41 11.86
CA LYS A 191 16.87 -7.24 10.91
C LYS A 191 18.38 -7.16 11.10
N CYS A 192 18.88 -5.99 11.52
CA CYS A 192 20.33 -5.76 11.59
C CYS A 192 20.85 -5.52 13.00
N GLN A 193 20.02 -5.79 14.00
CA GLN A 193 20.33 -5.36 15.36
C GLN A 193 21.58 -6.04 15.92
N ALA A 194 21.91 -7.22 15.40
CA ALA A 194 23.09 -7.96 15.85
C ALA A 194 24.38 -7.27 15.42
N GLU A 195 24.31 -6.40 14.43
CA GLU A 195 25.48 -5.68 13.95
C GLU A 195 25.82 -4.46 14.82
N PHE A 196 24.95 -4.13 15.76
CA PHE A 196 25.14 -2.92 16.56
C PHE A 196 25.59 -3.22 17.98
N ASP A 197 26.84 -2.89 18.25
CA ASP A 197 27.44 -3.04 19.57
C ASP A 197 28.22 -1.76 19.85
N ILE A 198 27.50 -0.72 20.25
CA ILE A 198 28.06 0.61 20.35
C ILE A 198 28.51 0.90 21.78
N LYS A 199 29.78 1.24 21.93
CA LYS A 199 30.38 1.48 23.23
C LYS A 199 30.30 2.95 23.61
N ALA A 200 29.07 3.42 23.81
CA ALA A 200 28.80 4.81 24.16
C ALA A 200 27.45 4.91 24.84
N SER A 201 27.20 6.04 25.51
CA SER A 201 25.89 6.29 26.11
C SER A 201 25.02 7.07 25.13
N LEU A 202 23.73 7.19 25.46
CA LEU A 202 22.80 7.99 24.67
C LEU A 202 23.29 9.43 24.53
N GLY A 203 23.86 9.97 25.61
CA GLY A 203 24.37 11.32 25.63
C GLY A 203 25.56 11.52 24.70
N ASP A 204 26.36 10.47 24.55
CA ASP A 204 27.45 10.48 23.60
C ASP A 204 26.94 10.54 22.15
N LEU A 205 25.85 9.82 21.88
CA LEU A 205 25.21 9.86 20.57
C LEU A 205 24.66 11.25 20.32
N HIS A 206 23.97 11.77 21.33
CA HIS A 206 23.44 13.13 21.29
C HIS A 206 24.55 14.14 20.97
N ASN A 207 25.68 14.01 21.66
CA ASN A 207 26.79 14.94 21.48
C ASN A 207 27.38 14.95 20.06
N TYR A 208 27.36 13.78 19.42
CA TYR A 208 27.88 13.66 18.07
C TYR A 208 27.10 14.55 17.10
N PHE A 209 25.79 14.66 17.32
CA PHE A 209 24.94 15.45 16.44
C PHE A 209 24.81 16.90 16.86
N LEU A 210 25.02 17.17 18.14
CA LEU A 210 25.06 18.56 18.65
C LEU A 210 26.12 19.42 17.95
N GLU A 211 25.73 20.61 17.54
CA GLU A 211 26.67 21.51 16.84
C GLU A 211 27.04 22.73 17.69
N VAL A 212 26.40 22.85 18.85
CA VAL A 212 26.62 24.01 19.71
C VAL A 212 27.08 23.57 21.09
N LEU A 213 27.63 24.50 21.86
CA LEU A 213 27.82 24.22 23.28
C LEU A 213 26.45 24.15 23.92
N PRO A 214 26.17 23.04 24.62
CA PRO A 214 24.89 22.84 25.30
C PRO A 214 24.56 24.01 26.24
N PRO A 215 23.27 24.24 26.51
CA PRO A 215 22.87 25.42 27.29
C PRO A 215 23.39 25.34 28.73
N ALA A 216 23.53 24.11 29.24
CA ALA A 216 24.09 23.87 30.58
C ALA A 216 23.26 24.53 31.68
N HIS A 221 12.72 23.21 38.54
CA HIS A 221 13.26 21.97 37.99
C HIS A 221 12.17 20.91 37.95
N SER A 222 11.15 21.16 37.12
CA SER A 222 9.90 20.41 37.13
C SER A 222 10.06 18.90 37.01
N ALA A 223 9.19 18.16 37.69
CA ALA A 223 9.13 16.72 37.53
C ALA A 223 8.62 16.36 36.14
N ALA A 224 7.69 17.16 35.63
CA ALA A 224 7.03 16.83 34.37
C ALA A 224 7.19 17.95 33.34
N GLY A 225 7.73 17.59 32.17
CA GLY A 225 7.81 18.51 31.05
C GLY A 225 6.86 18.10 29.95
N VAL A 226 6.00 19.01 29.52
CA VAL A 226 5.03 18.72 28.47
C VAL A 226 5.40 19.40 27.16
N VAL A 227 5.66 18.59 26.14
CA VAL A 227 5.96 19.10 24.80
C VAL A 227 4.69 19.26 23.97
N LEU A 228 4.37 20.50 23.59
CA LEU A 228 3.20 20.72 22.73
C LEU A 228 3.63 20.86 21.28
N GLN A 229 2.73 20.56 20.35
CA GLN A 229 3.06 20.60 18.93
C GLN A 229 2.16 21.55 18.15
N VAL A 230 2.47 21.72 16.88
CA VAL A 230 1.63 22.51 15.98
C VAL A 230 0.33 21.75 15.79
N GLU A 231 -0.79 22.45 15.99
CA GLU A 231 -2.09 21.80 16.14
C GLU A 231 -2.58 21.13 14.86
N ASP A 232 -2.20 21.65 13.70
CA ASP A 232 -2.66 21.05 12.45
C ASP A 232 -1.49 20.44 11.65
N ASP A 233 -0.45 20.04 12.37
CA ASP A 233 0.65 19.25 11.79
C ASP A 233 0.11 17.87 11.41
N SER A 234 0.65 17.26 10.36
CA SER A 234 0.19 15.94 9.94
C SER A 234 0.34 14.92 11.07
N ASN A 235 1.37 15.12 11.89
CA ASN A 235 1.60 14.29 13.07
C ASN A 235 0.45 14.31 14.08
N LEU A 236 -0.20 15.46 14.22
CA LEU A 236 -1.31 15.60 15.15
C LEU A 236 -2.67 15.40 14.47
N ILE A 237 -2.66 15.13 13.18
CA ILE A 237 -3.90 14.87 12.44
C ILE A 237 -4.10 13.38 12.19
N ALA A 238 -3.04 12.71 11.72
CA ALA A 238 -3.17 11.32 11.28
C ALA A 238 -2.42 10.31 12.16
N TYR A 239 -1.37 10.75 12.87
CA TYR A 239 -0.48 9.81 13.54
C TYR A 239 -0.48 9.98 15.06
N ASN A 240 -1.53 10.61 15.57
CA ASN A 240 -1.55 11.03 16.97
C ASN A 240 -2.27 10.09 17.93
N HIS A 241 -2.91 9.05 17.40
CA HIS A 241 -3.79 8.17 18.19
C HIS A 241 -4.82 8.98 18.95
N ASP A 242 -5.45 9.93 18.24
CA ASP A 242 -6.53 10.76 18.77
C ASP A 242 -6.11 11.76 19.86
N PHE A 243 -4.83 11.74 20.25
CA PHE A 243 -4.36 12.70 21.26
C PHE A 243 -4.17 14.09 20.63
N THR A 244 -4.46 15.12 21.42
CA THR A 244 -4.27 16.52 21.03
C THR A 244 -3.40 17.22 22.07
N ASN A 245 -3.09 18.49 21.84
CA ASN A 245 -2.36 19.24 22.86
C ASN A 245 -3.14 19.30 24.17
N ILE A 246 -4.45 19.52 24.09
CA ILE A 246 -5.25 19.65 25.32
C ILE A 246 -5.41 18.30 26.02
N SER A 247 -5.53 17.20 25.28
CA SER A 247 -5.69 15.91 25.95
C SER A 247 -4.34 15.37 26.47
N LEU A 248 -3.24 15.77 25.83
CA LEU A 248 -1.91 15.49 26.36
C LEU A 248 -1.73 16.18 27.71
N LEU A 249 -2.15 17.44 27.80
CA LEU A 249 -2.09 18.19 29.05
C LEU A 249 -2.91 17.51 30.14
N SER A 250 -4.13 17.10 29.80
CA SER A 250 -4.99 16.42 30.76
C SER A 250 -4.35 15.12 31.24
N TYR A 251 -3.75 14.39 30.31
CA TYR A 251 -3.04 13.16 30.62
C TYR A 251 -1.99 13.40 31.71
N VAL A 252 -1.18 14.43 31.50
CA VAL A 252 -0.12 14.77 32.45
C VAL A 252 -0.72 15.29 33.74
N ARG A 253 -1.80 16.06 33.61
CA ARG A 253 -2.49 16.52 34.80
C ARG A 253 -3.12 15.38 35.64
N GLN A 254 -3.34 14.18 35.09
CA GLN A 254 -3.80 13.07 35.91
C GLN A 254 -2.64 12.81 36.86
N ARG A 255 -1.41 12.88 36.33
CA ARG A 255 -0.29 12.29 37.02
C ARG A 255 0.49 13.27 37.88
N TYR A 256 0.31 14.55 37.62
CA TYR A 256 1.04 15.56 38.35
C TYR A 256 0.18 16.74 38.75
N GLU A 257 0.56 17.39 39.84
CA GLU A 257 -0.05 18.67 40.20
C GLU A 257 0.62 19.74 39.35
N LYS A 258 -0.07 20.88 39.20
CA LYS A 258 0.41 21.96 38.34
C LYS A 258 1.79 22.49 38.74
N GLU A 259 2.11 22.38 40.02
CA GLU A 259 3.36 22.90 40.54
C GLU A 259 4.55 22.12 40.01
N ASP A 260 4.27 20.92 39.50
CA ASP A 260 5.31 20.02 39.00
C ASP A 260 5.30 19.95 37.47
N ILE A 261 4.50 20.80 36.83
CA ILE A 261 4.35 20.76 35.39
C ILE A 261 4.97 21.98 34.69
N LEU A 262 5.82 21.70 33.71
CA LEU A 262 6.39 22.74 32.86
C LEU A 262 5.96 22.49 31.42
N VAL A 263 5.30 23.47 30.82
CA VAL A 263 4.76 23.31 29.47
C VAL A 263 5.47 24.20 28.46
N ARG A 264 5.91 23.62 27.35
CA ARG A 264 6.51 24.41 26.29
C ARG A 264 5.66 24.31 25.02
N ALA A 265 5.11 25.45 24.61
CA ALA A 265 4.37 25.50 23.36
C ALA A 265 5.34 25.41 22.18
N HIS A 266 4.85 24.89 21.07
CA HIS A 266 5.63 24.88 19.84
C HIS A 266 5.75 26.32 19.33
N PRO A 267 6.97 26.78 19.05
CA PRO A 267 7.16 28.13 18.51
C PRO A 267 6.38 28.38 17.22
N GLY A 268 6.20 27.35 16.41
CA GLY A 268 5.47 27.48 15.15
C GLY A 268 3.96 27.37 15.26
N SER A 269 3.44 27.24 16.48
CA SER A 269 2.01 27.14 16.69
C SER A 269 1.32 28.50 16.58
N LEU A 270 0.02 28.50 16.26
CA LEU A 270 -0.74 29.74 16.23
C LEU A 270 -1.19 30.11 17.64
N PHE A 271 -1.18 29.12 18.53
CA PHE A 271 -1.67 29.29 19.89
C PHE A 271 -0.55 29.23 20.91
N ARG A 272 -0.78 29.86 22.06
CA ARG A 272 0.15 29.80 23.15
CA ARG A 272 0.17 29.91 23.15
C ARG A 272 -0.60 29.85 24.47
N LEU A 273 0.05 29.39 25.53
CA LEU A 273 -0.61 29.29 26.84
C LEU A 273 -0.86 30.63 27.50
N ARG A 274 -2.00 30.74 28.19
CA ARG A 274 -2.16 31.81 29.17
C ARG A 274 -1.25 31.48 30.35
N ASP A 275 -0.81 32.50 31.08
CA ASP A 275 0.16 32.24 32.15
C ASP A 275 -0.48 32.23 33.54
N ASP A 276 -1.77 31.88 33.60
CA ASP A 276 -2.46 31.84 34.88
C ASP A 276 -2.41 30.44 35.51
N VAL A 277 -2.31 29.39 34.69
CA VAL A 277 -2.62 28.06 35.16
C VAL A 277 -1.41 27.10 35.20
N PHE A 278 -0.56 27.11 34.18
CA PHE A 278 0.63 26.29 34.19
C PHE A 278 1.90 27.14 34.30
N THR A 279 2.99 26.53 34.74
CA THR A 279 4.28 27.18 34.61
C THR A 279 4.68 27.07 33.14
N ILE A 280 4.90 28.20 32.50
CA ILE A 280 5.19 28.23 31.07
C ILE A 280 6.69 28.34 30.81
N ASP A 281 7.19 27.50 29.90
CA ASP A 281 8.61 27.53 29.57
C ASP A 281 8.92 28.65 28.57
N ASP A 282 9.99 29.40 28.83
CA ASP A 282 10.42 30.44 27.90
C ASP A 282 11.88 30.25 27.50
N SER A 283 12.32 29.00 27.43
CA SER A 283 13.68 28.70 27.01
C SER A 283 13.91 29.12 25.56
N ALA A 284 15.17 29.38 25.20
CA ALA A 284 15.52 29.82 23.86
C ALA A 284 15.52 28.66 22.85
N ASN A 285 15.57 27.43 23.37
CA ASN A 285 15.51 26.22 22.55
C ASN A 285 14.91 25.07 23.35
N SER A 286 14.48 24.01 22.67
CA SER A 286 13.81 22.89 23.33
C SER A 286 14.76 22.07 24.22
N LEU A 287 16.06 22.11 23.92
CA LEU A 287 17.04 21.38 24.72
C LEU A 287 17.16 21.97 26.12
N ALA A 288 17.21 23.30 26.21
CA ALA A 288 17.27 23.96 27.51
C ALA A 288 15.99 23.68 28.29
N PHE A 289 14.88 23.49 27.58
CA PHE A 289 13.61 23.19 28.22
C PHE A 289 13.59 21.78 28.82
N ILE A 290 13.97 20.77 28.04
CA ILE A 290 13.93 19.40 28.55
C ILE A 290 14.97 19.17 29.64
N ASN A 291 16.07 19.94 29.61
CA ASN A 291 17.11 19.79 30.62
C ASN A 291 16.63 20.16 32.02
N GLN A 292 15.54 20.92 32.09
CA GLN A 292 14.95 21.31 33.37
C GLN A 292 13.92 20.29 33.88
N CYS A 293 13.69 19.23 33.12
CA CYS A 293 12.63 18.29 33.45
C CYS A 293 13.17 16.93 33.86
N ASN A 294 12.46 16.28 34.80
CA ASN A 294 12.81 14.94 35.23
C ASN A 294 12.32 13.91 34.22
N GLU A 295 11.05 14.02 33.81
CA GLU A 295 10.54 13.21 32.72
C GLU A 295 9.76 14.07 31.73
N VAL A 296 9.65 13.59 30.50
CA VAL A 296 9.09 14.37 29.39
C VAL A 296 7.91 13.64 28.77
N PHE A 297 6.85 14.39 28.43
CA PHE A 297 5.66 13.84 27.79
C PHE A 297 5.42 14.47 26.43
N THR A 298 5.17 13.63 25.44
CA THR A 298 4.93 14.11 24.09
C THR A 298 3.95 13.20 23.36
N ILE A 299 3.37 13.70 22.28
CA ILE A 299 2.59 12.85 21.39
C ILE A 299 3.54 12.20 20.41
N ASN A 300 4.13 13.00 19.50
CA ASN A 300 5.15 12.48 18.60
C ASN A 300 6.09 13.57 18.07
N SER A 301 6.42 14.53 18.94
CA SER A 301 7.31 15.62 18.57
C SER A 301 8.74 15.16 18.37
N SER A 302 9.48 15.88 17.53
CA SER A 302 10.92 15.68 17.39
C SER A 302 11.62 15.80 18.74
N VAL A 303 11.09 16.65 19.61
CA VAL A 303 11.66 16.88 20.93
C VAL A 303 11.63 15.61 21.79
N GLY A 304 10.69 14.71 21.46
CA GLY A 304 10.66 13.41 22.11
C GLY A 304 11.97 12.65 21.93
N LEU A 305 12.53 12.71 20.74
CA LEU A 305 13.82 12.07 20.46
C LEU A 305 14.93 12.72 21.26
N GLU A 306 14.91 14.05 21.30
CA GLU A 306 15.85 14.85 22.08
C GLU A 306 15.87 14.44 23.54
N ALA A 307 14.66 14.26 24.10
CA ALA A 307 14.53 13.83 25.48
C ALA A 307 15.15 12.44 25.69
N ILE A 308 14.89 11.54 24.74
CA ILE A 308 15.43 10.19 24.81
C ILE A 308 16.96 10.19 24.74
N LEU A 309 17.52 11.00 23.85
CA LEU A 309 18.98 11.05 23.71
C LEU A 309 19.71 11.68 24.90
N THR A 310 19.00 12.48 25.69
CA THR A 310 19.61 13.11 26.86
C THR A 310 19.33 12.32 28.14
N GLY A 311 18.72 11.15 28.00
CA GLY A 311 18.58 10.22 29.12
C GLY A 311 17.34 10.39 29.97
N LYS A 312 16.43 11.28 29.56
CA LYS A 312 15.22 11.53 30.32
C LYS A 312 14.17 10.44 30.09
N LYS A 313 13.43 10.08 31.13
CA LYS A 313 12.30 9.18 30.96
C LYS A 313 11.24 9.87 30.13
N THR A 314 10.86 9.26 29.02
CA THR A 314 10.03 9.92 28.02
C THR A 314 8.79 9.10 27.68
N THR A 315 7.64 9.76 27.67
CA THR A 315 6.38 9.11 27.32
C THR A 315 5.93 9.60 25.95
N VAL A 316 5.70 8.65 25.05
CA VAL A 316 5.35 8.94 23.66
C VAL A 316 3.97 8.36 23.37
N LEU A 317 2.97 9.22 23.17
CA LEU A 317 1.59 8.75 23.06
C LEU A 317 1.16 8.52 21.62
N GLY A 318 1.89 9.12 20.69
CA GLY A 318 1.55 9.01 19.28
C GLY A 318 2.48 8.08 18.53
N ASP A 319 2.13 7.79 17.28
CA ASP A 319 2.99 7.00 16.41
C ASP A 319 4.11 7.90 15.89
N CYS A 320 5.31 7.34 15.79
CA CYS A 320 6.45 8.07 15.24
C CYS A 320 7.62 7.12 14.98
N SER A 321 8.58 7.59 14.19
CA SER A 321 9.69 6.75 13.72
C SER A 321 10.63 6.30 14.84
N TYR A 322 10.72 7.10 15.90
CA TYR A 322 11.70 6.83 16.96
C TYR A 322 11.12 6.08 18.15
N ALA A 323 9.81 5.84 18.15
CA ALA A 323 9.13 5.27 19.31
C ALA A 323 9.69 3.90 19.74
N PHE A 324 10.19 3.13 18.78
CA PHE A 324 10.69 1.79 19.09
C PHE A 324 11.94 1.82 19.96
N ILE A 325 12.70 2.90 19.86
CA ILE A 325 13.88 3.11 20.70
C ILE A 325 13.45 3.18 22.15
N ASN A 326 12.36 3.89 22.39
CA ASN A 326 11.88 4.13 23.74
C ASN A 326 11.21 2.90 24.35
N GLU A 327 10.83 1.93 23.52
CA GLU A 327 10.10 0.76 23.98
C GLU A 327 11.04 -0.35 24.49
N LEU A 328 12.33 -0.21 24.23
CA LEU A 328 13.31 -1.19 24.70
C LEU A 328 13.63 -0.99 26.17
N ALA A 329 13.89 -2.07 26.88
CA ALA A 329 14.06 -2.03 28.32
C ALA A 329 15.47 -1.65 28.76
N GLY A 330 16.47 -2.35 28.21
CA GLY A 330 17.85 -2.16 28.65
C GLY A 330 18.48 -0.86 28.20
N ALA A 331 19.50 -0.41 28.93
CA ALA A 331 20.20 0.81 28.56
C ALA A 331 21.09 0.55 27.36
N SER A 332 21.72 -0.62 27.34
CA SER A 332 22.58 -1.02 26.24
C SER A 332 21.77 -1.29 24.97
N ALA A 333 20.60 -1.90 25.14
CA ALA A 333 19.72 -2.17 24.00
C ALA A 333 19.22 -0.86 23.40
N THR A 334 18.93 0.11 24.26
CA THR A 334 18.44 1.41 23.81
C THR A 334 19.53 2.17 23.02
N VAL A 335 20.76 2.12 23.50
CA VAL A 335 21.86 2.80 22.82
C VAL A 335 22.06 2.24 21.41
N ASN A 336 22.07 0.92 21.29
CA ASN A 336 22.25 0.26 20.00
C ASN A 336 21.13 0.61 19.01
N ALA A 337 19.89 0.66 19.50
CA ALA A 337 18.76 1.07 18.67
C ALA A 337 18.83 2.55 18.26
N ALA A 338 19.17 3.42 19.20
CA ALA A 338 19.34 4.83 18.90
C ALA A 338 20.48 5.06 17.89
N ALA A 339 21.54 4.27 18.00
CA ALA A 339 22.66 4.38 17.06
C ALA A 339 22.24 4.00 15.64
N PHE A 340 21.51 2.89 15.50
CA PHE A 340 20.95 2.54 14.20
C PHE A 340 20.08 3.67 13.66
N TYR A 341 19.22 4.20 14.52
CA TYR A 341 18.27 5.24 14.12
C TYR A 341 19.02 6.47 13.60
N LEU A 342 19.99 6.94 14.38
CA LEU A 342 20.72 8.15 14.07
C LEU A 342 21.66 8.01 12.87
N PHE A 343 22.31 6.86 12.77
CA PHE A 343 23.35 6.67 11.75
C PHE A 343 22.87 5.95 10.49
N SER A 344 21.77 5.20 10.59
CA SER A 344 21.33 4.45 9.41
C SER A 344 19.91 4.82 8.97
N TYR A 345 19.00 5.05 9.91
CA TYR A 345 17.64 5.43 9.51
C TYR A 345 17.59 6.90 9.08
N LEU A 346 18.05 7.79 9.95
CA LEU A 346 18.16 9.20 9.57
C LEU A 346 19.22 9.36 8.49
N VAL A 347 19.02 10.34 7.62
CA VAL A 347 19.93 10.61 6.53
C VAL A 347 20.49 12.02 6.70
N PRO A 348 21.78 12.22 6.46
CA PRO A 348 22.27 13.60 6.36
C PRO A 348 21.37 14.37 5.41
N PHE A 349 20.85 15.52 5.85
CA PHE A 349 19.81 16.26 5.15
C PHE A 349 20.10 16.48 3.66
N ASP A 350 21.28 16.99 3.32
CA ASP A 350 21.58 17.32 1.92
C ASP A 350 21.50 16.12 0.98
N LEU A 351 21.72 14.92 1.52
CA LEU A 351 21.82 13.72 0.70
C LEU A 351 20.49 13.28 0.08
N VAL A 352 19.36 13.57 0.74
CA VAL A 352 18.06 13.12 0.21
C VAL A 352 17.59 14.01 -0.94
N PHE A 353 18.43 14.97 -1.31
CA PHE A 353 18.19 15.83 -2.46
C PHE A 353 19.26 15.59 -3.50
N ASN A 354 20.15 14.64 -3.20
CA ASN A 354 21.24 14.28 -4.10
C ASN A 354 20.89 13.03 -4.90
N GLN A 355 20.82 13.18 -6.22
CA GLN A 355 20.32 12.10 -7.09
C GLN A 355 21.21 10.87 -7.06
N GLU A 356 22.51 11.07 -6.93
CA GLU A 356 23.43 9.95 -6.80
C GLU A 356 23.17 9.12 -5.55
N TYR A 357 22.92 9.80 -4.42
CA TYR A 357 22.58 9.10 -3.18
C TYR A 357 21.24 8.40 -3.28
N LEU A 358 20.28 9.06 -3.94
CA LEU A 358 18.95 8.50 -4.10
C LEU A 358 18.98 7.23 -4.96
N LYS A 359 19.81 7.22 -6.01
CA LYS A 359 19.93 6.02 -6.82
C LYS A 359 20.57 4.89 -6.01
N PHE A 360 21.55 5.24 -5.18
CA PHE A 360 22.16 4.29 -4.24
C PHE A 360 21.11 3.60 -3.36
N ARG A 361 20.22 4.39 -2.77
CA ARG A 361 19.20 3.83 -1.88
C ARG A 361 18.14 3.03 -2.64
N LEU A 362 17.88 3.42 -3.88
CA LEU A 362 16.91 2.72 -4.71
C LEU A 362 17.37 1.29 -4.99
N GLY A 363 18.68 1.06 -4.95
CA GLY A 363 19.22 -0.29 -5.11
C GLY A 363 19.01 -1.16 -3.87
N HIS A 364 18.49 -0.55 -2.81
CA HIS A 364 18.29 -1.24 -1.53
C HIS A 364 19.54 -1.94 -1.02
N PRO A 365 20.62 -1.17 -0.77
CA PRO A 365 21.88 -1.74 -0.27
C PRO A 365 21.79 -2.20 1.17
N GLU A 366 22.85 -2.83 1.66
CA GLU A 366 22.91 -3.32 3.03
C GLU A 366 23.09 -2.19 4.03
N GLU A 367 22.62 -2.41 5.25
CA GLU A 367 22.68 -1.41 6.32
C GLU A 367 24.11 -0.90 6.52
N ARG A 368 25.07 -1.81 6.42
CA ARG A 368 26.50 -1.47 6.51
C ARG A 368 26.91 -0.39 5.50
N GLU A 369 26.46 -0.54 4.26
CA GLU A 369 26.77 0.41 3.18
CA GLU A 369 26.82 0.41 3.23
C GLU A 369 26.12 1.75 3.45
N ILE A 370 24.90 1.71 4.01
CA ILE A 370 24.15 2.92 4.27
C ILE A 370 24.86 3.75 5.34
N VAL A 371 25.18 3.09 6.46
CA VAL A 371 25.93 3.73 7.54
C VAL A 371 27.26 4.29 7.03
N GLY A 372 27.95 3.52 6.19
CA GLY A 372 29.21 3.94 5.62
C GLY A 372 29.08 5.25 4.88
N LYS A 373 28.07 5.34 4.02
CA LYS A 373 27.77 6.55 3.25
C LYS A 373 27.49 7.76 4.13
N HIS A 374 26.67 7.56 5.16
CA HIS A 374 26.29 8.65 6.06
C HIS A 374 27.51 9.17 6.87
N ILE A 375 28.29 8.26 7.42
CA ILE A 375 29.46 8.65 8.21
C ILE A 375 30.50 9.34 7.32
N GLU A 376 30.61 8.86 6.09
CA GLU A 376 31.45 9.50 5.08
C GLU A 376 31.07 10.96 4.91
N PHE A 377 29.77 11.23 4.94
CA PHE A 377 29.28 12.60 4.80
C PHE A 377 29.53 13.41 6.08
N TYR A 378 29.17 12.85 7.23
CA TYR A 378 29.32 13.53 8.51
C TYR A 378 30.79 13.84 8.80
N SER A 379 31.67 12.96 8.34
CA SER A 379 33.11 13.15 8.45
C SER A 379 33.67 13.81 7.20
N ALA A 380 32.93 14.73 6.61
CA ALA A 380 33.40 15.46 5.44
C ALA A 380 34.73 16.12 5.76
N ASP A 381 34.83 16.62 6.98
CA ASP A 381 36.07 17.08 7.59
C ASP A 381 36.93 17.93 6.64
N HIS A 391 36.30 -2.97 7.85
CA HIS A 391 35.72 -2.19 8.93
C HIS A 391 34.24 -2.54 9.13
N SER A 392 33.92 -3.15 10.26
CA SER A 392 32.53 -3.51 10.56
C SER A 392 31.69 -2.28 10.82
N LEU A 393 30.37 -2.48 10.83
CA LEU A 393 29.41 -1.42 11.09
C LEU A 393 29.65 -0.76 12.46
N SER A 394 29.65 -1.56 13.52
CA SER A 394 29.86 -1.04 14.87
C SER A 394 31.21 -0.38 15.02
N SER A 395 32.21 -0.89 14.30
CA SER A 395 33.54 -0.32 14.33
C SER A 395 33.53 1.07 13.69
N LEU A 396 32.70 1.23 12.65
CA LEU A 396 32.59 2.51 11.96
C LEU A 396 32.03 3.59 12.88
N ILE A 397 30.93 3.27 13.53
CA ILE A 397 30.25 4.20 14.42
C ILE A 397 31.10 4.51 15.67
N ASN A 398 31.66 3.47 16.28
CA ASN A 398 32.53 3.65 17.45
C ASN A 398 33.71 4.57 17.15
N GLU A 399 34.34 4.33 16.01
CA GLU A 399 35.46 5.18 15.58
C GLU A 399 35.00 6.62 15.32
N ALA A 400 33.83 6.78 14.71
CA ALA A 400 33.32 8.12 14.42
C ALA A 400 33.08 8.90 15.71
N ILE A 401 32.46 8.24 16.68
CA ILE A 401 32.22 8.82 18.00
C ILE A 401 33.51 9.19 18.71
N SER A 402 34.51 8.31 18.66
CA SER A 402 35.80 8.53 19.31
C SER A 402 36.57 9.69 18.70
N LEU A 403 36.58 9.76 17.37
CA LEU A 403 37.24 10.85 16.66
C LEU A 403 36.54 12.18 16.94
N GLU A 404 35.25 12.09 17.24
CA GLU A 404 34.36 13.24 17.50
C GLU A 404 34.10 14.05 16.24
N GLY B 2 13.92 -15.08 -9.07
CA GLY B 2 12.99 -16.12 -8.69
C GLY B 2 11.69 -15.57 -8.13
N LEU B 3 10.66 -16.41 -8.14
CA LEU B 3 9.36 -16.04 -7.59
C LEU B 3 9.32 -16.29 -6.10
N ALA B 4 8.61 -15.44 -5.36
CA ALA B 4 8.27 -15.74 -3.98
C ALA B 4 6.75 -15.82 -3.88
N VAL B 5 6.25 -17.04 -3.67
CA VAL B 5 4.81 -17.30 -3.65
C VAL B 5 4.26 -17.45 -2.24
N PHE B 6 3.31 -16.58 -1.91
CA PHE B 6 2.73 -16.50 -0.57
C PHE B 6 1.39 -17.24 -0.51
N LEU B 7 1.35 -18.32 0.27
CA LEU B 7 0.16 -19.16 0.42
C LEU B 7 -0.10 -19.41 1.90
N PRO B 8 -0.78 -18.48 2.58
CA PRO B 8 -0.93 -18.56 4.04
C PRO B 8 -1.68 -19.83 4.47
N PRO B 9 -1.29 -20.38 5.63
CA PRO B 9 -1.86 -21.62 6.15
C PRO B 9 -3.05 -21.41 7.08
N TYR B 10 -3.31 -20.16 7.45
CA TYR B 10 -4.33 -19.81 8.42
C TYR B 10 -5.70 -20.30 7.96
N PRO B 11 -6.32 -21.20 8.74
CA PRO B 11 -7.60 -21.80 8.38
C PRO B 11 -8.80 -20.93 8.79
N PHE B 12 -8.89 -19.73 8.24
CA PHE B 12 -9.96 -18.80 8.59
C PHE B 12 -11.35 -19.43 8.41
N ARG B 13 -11.50 -20.22 7.35
CA ARG B 13 -12.79 -20.79 7.04
C ARG B 13 -12.92 -22.23 7.51
N GLY B 14 -11.97 -22.66 8.34
CA GLY B 14 -12.05 -23.95 9.01
C GLY B 14 -11.32 -25.08 8.32
N LEU B 15 -10.60 -24.75 7.24
CA LEU B 15 -9.95 -25.74 6.40
C LEU B 15 -8.43 -25.55 6.36
N LYS B 16 -7.68 -26.61 6.62
CA LYS B 16 -6.21 -26.53 6.55
C LYS B 16 -5.73 -26.41 5.10
N ALA B 17 -4.61 -25.74 4.91
CA ALA B 17 -4.03 -25.49 3.59
C ALA B 17 -5.06 -25.06 2.54
N PRO B 18 -5.73 -23.92 2.80
CA PRO B 18 -6.86 -23.51 1.95
C PRO B 18 -6.46 -23.25 0.50
N TYR B 19 -5.20 -22.91 0.25
CA TYR B 19 -4.78 -22.55 -1.10
C TYR B 19 -3.91 -23.64 -1.73
N LEU B 20 -4.18 -24.87 -1.33
CA LEU B 20 -3.43 -26.03 -1.81
C LEU B 20 -3.38 -26.16 -3.34
N TRP B 21 -4.48 -25.84 -4.03
CA TRP B 21 -4.50 -25.97 -5.49
C TRP B 21 -3.45 -25.09 -6.18
N MET B 22 -3.28 -23.86 -5.71
CA MET B 22 -2.30 -22.95 -6.28
C MET B 22 -0.87 -23.45 -6.01
N PHE B 23 -0.68 -24.05 -4.85
CA PHE B 23 0.60 -24.67 -4.52
C PHE B 23 0.96 -25.75 -5.55
N TYR B 24 0.02 -26.65 -5.78
CA TYR B 24 0.23 -27.73 -6.73
C TYR B 24 0.42 -27.23 -8.16
N LYS B 25 -0.32 -26.20 -8.54
CA LYS B 25 -0.22 -25.66 -9.90
C LYS B 25 1.15 -25.02 -10.14
N TYR B 26 1.62 -24.21 -9.19
CA TYR B 26 2.93 -23.59 -9.34
C TYR B 26 4.05 -24.65 -9.38
N LEU B 27 3.92 -25.69 -8.56
CA LEU B 27 4.87 -26.80 -8.59
C LEU B 27 4.93 -27.46 -9.97
N HIS B 28 3.77 -27.71 -10.55
CA HIS B 28 3.67 -28.40 -11.85
C HIS B 28 4.23 -27.59 -13.01
N CYS B 29 3.97 -26.29 -13.02
CA CYS B 29 4.40 -25.43 -14.13
C CYS B 29 5.74 -24.77 -13.85
N ALA B 30 6.39 -25.15 -12.74
CA ALA B 30 7.67 -24.55 -12.38
C ALA B 30 8.74 -24.86 -13.42
N THR B 31 9.50 -23.84 -13.80
CA THR B 31 10.61 -24.03 -14.72
C THR B 31 11.89 -23.57 -14.03
N ASP B 32 11.74 -23.16 -12.78
CA ASP B 32 12.85 -22.69 -11.96
C ASP B 32 12.50 -22.86 -10.48
N SER B 33 13.50 -22.75 -9.62
CA SER B 33 13.29 -22.86 -8.17
C SER B 33 12.42 -21.72 -7.63
N ILE B 34 11.40 -22.09 -6.87
CA ILE B 34 10.45 -21.13 -6.31
C ILE B 34 10.61 -21.05 -4.80
N LEU B 35 10.49 -19.85 -4.25
CA LEU B 35 10.44 -19.68 -2.81
C LEU B 35 8.98 -19.64 -2.35
N PHE B 36 8.59 -20.64 -1.57
CA PHE B 36 7.23 -20.70 -1.05
C PHE B 36 7.17 -20.22 0.39
N ILE B 37 6.40 -19.16 0.61
CA ILE B 37 6.10 -18.67 1.94
C ILE B 37 4.72 -19.18 2.31
N THR B 38 4.68 -20.26 3.09
CA THR B 38 3.43 -20.97 3.27
C THR B 38 3.38 -21.60 4.65
N GLY B 39 2.70 -22.74 4.80
CA GLY B 39 2.70 -23.46 6.06
C GLY B 39 3.06 -24.92 5.88
N GLU B 40 3.45 -25.60 6.95
CA GLU B 40 3.86 -26.98 6.80
C GLU B 40 2.66 -27.90 6.58
N ASP B 41 1.45 -27.39 6.85
CA ASP B 41 0.23 -28.09 6.45
C ASP B 41 0.20 -28.38 4.94
N TYR B 42 0.75 -27.46 4.16
CA TYR B 42 0.78 -27.63 2.71
C TYR B 42 1.70 -28.76 2.28
N LEU B 43 2.67 -29.09 3.13
CA LEU B 43 3.66 -30.10 2.78
C LEU B 43 3.26 -31.49 3.24
N SER B 44 2.42 -31.58 4.26
CA SER B 44 2.07 -32.87 4.84
C SER B 44 0.75 -33.45 4.32
N VAL B 45 -0.04 -32.63 3.64
CA VAL B 45 -1.36 -33.09 3.20
C VAL B 45 -1.33 -34.23 2.19
N THR B 46 -0.43 -34.16 1.21
CA THR B 46 -0.46 -35.08 0.07
C THR B 46 -0.25 -36.54 0.48
N ASP B 47 0.36 -36.76 1.64
CA ASP B 47 0.55 -38.11 2.15
C ASP B 47 -0.24 -38.32 3.44
N ASP B 48 -0.98 -37.30 3.84
CA ASP B 48 -1.95 -37.45 4.93
C ASP B 48 -3.24 -37.99 4.31
N GLU B 49 -3.48 -39.28 4.47
CA GLU B 49 -4.54 -39.94 3.73
C GLU B 49 -5.89 -39.82 4.44
N ALA B 50 -5.93 -39.03 5.51
CA ALA B 50 -7.18 -38.60 6.12
C ALA B 50 -7.71 -37.37 5.38
N GLN B 51 -6.97 -36.99 4.34
CA GLN B 51 -7.26 -35.79 3.56
C GLN B 51 -7.53 -36.12 2.09
N ARG B 52 -7.72 -37.40 1.79
CA ARG B 52 -7.89 -37.87 0.41
C ARG B 52 -9.15 -37.33 -0.25
N ALA B 53 -10.16 -37.08 0.57
CA ALA B 53 -11.47 -36.74 0.06
C ALA B 53 -11.56 -35.27 -0.36
N ARG B 54 -10.44 -34.55 -0.23
CA ARG B 54 -10.39 -33.14 -0.62
C ARG B 54 -10.48 -32.98 -2.13
N TRP B 55 -11.10 -31.89 -2.58
CA TRP B 55 -11.36 -31.72 -4.01
C TRP B 55 -10.07 -31.56 -4.82
N GLU B 56 -9.01 -31.08 -4.17
CA GLU B 56 -7.74 -30.85 -4.84
C GLU B 56 -7.14 -32.14 -5.40
N PHE B 57 -7.55 -33.28 -4.85
CA PHE B 57 -7.04 -34.57 -5.28
C PHE B 57 -7.97 -35.25 -6.31
N ASP B 58 -9.13 -34.65 -6.55
CA ASP B 58 -10.09 -35.20 -7.52
C ASP B 58 -9.57 -35.06 -8.95
N PRO B 59 -9.49 -36.18 -9.68
CA PRO B 59 -8.92 -36.20 -11.03
C PRO B 59 -9.61 -35.22 -11.97
N ALA B 60 -10.89 -34.93 -11.74
CA ALA B 60 -11.61 -33.94 -12.53
C ALA B 60 -11.07 -32.54 -12.27
N SER B 61 -10.79 -32.24 -11.01
CA SER B 61 -10.27 -30.94 -10.63
C SER B 61 -8.85 -30.76 -11.17
N MET B 62 -8.04 -31.81 -11.06
CA MET B 62 -6.68 -31.82 -11.55
C MET B 62 -6.62 -31.56 -13.06
N ALA B 63 -7.50 -32.22 -13.80
CA ALA B 63 -7.56 -32.05 -15.25
C ALA B 63 -8.06 -30.65 -15.60
N SER B 64 -9.02 -30.17 -14.82
CA SER B 64 -9.65 -28.89 -15.08
C SER B 64 -8.69 -27.72 -14.86
N LEU B 65 -7.92 -27.80 -13.77
CA LEU B 65 -6.96 -26.73 -13.45
C LEU B 65 -5.61 -27.01 -14.10
N GLY B 66 -5.46 -28.21 -14.67
CA GLY B 66 -4.25 -28.58 -15.36
C GLY B 66 -3.02 -28.79 -14.49
N TYR B 67 -3.16 -29.58 -13.43
CA TYR B 67 -1.99 -29.98 -12.66
C TYR B 67 -2.05 -31.45 -12.28
N GLU B 68 -0.89 -31.96 -11.86
CA GLU B 68 -0.78 -33.28 -11.28
C GLU B 68 -0.20 -33.16 -9.87
N LEU B 69 -0.38 -34.19 -9.05
CA LEU B 69 0.18 -34.15 -7.70
C LEU B 69 1.69 -34.15 -7.78
N PRO B 70 2.34 -33.39 -6.89
CA PRO B 70 3.81 -33.32 -6.83
C PRO B 70 4.38 -34.53 -6.11
N ASN B 71 5.55 -35.01 -6.55
CA ASN B 71 6.26 -36.06 -5.83
C ASN B 71 7.37 -35.44 -5.00
N ALA B 72 8.13 -36.30 -4.32
CA ALA B 72 9.21 -35.83 -3.44
C ALA B 72 10.30 -35.08 -4.20
N GLN B 73 10.53 -35.46 -5.45
CA GLN B 73 11.55 -34.80 -6.27
C GLN B 73 11.08 -33.44 -6.76
N SER B 74 9.77 -33.32 -7.02
CA SER B 74 9.21 -32.04 -7.43
C SER B 74 9.35 -31.03 -6.29
N MET B 75 9.03 -31.46 -5.07
CA MET B 75 9.12 -30.61 -3.88
C MET B 75 10.54 -30.10 -3.64
N ALA B 76 11.52 -30.97 -3.83
CA ALA B 76 12.91 -30.69 -3.47
C ALA B 76 13.57 -29.63 -4.36
N CYS B 77 12.91 -29.28 -5.46
CA CYS B 77 13.43 -28.27 -6.38
C CYS B 77 13.27 -26.85 -5.84
N HIS B 78 12.62 -26.71 -4.69
CA HIS B 78 12.21 -25.39 -4.23
C HIS B 78 12.61 -25.09 -2.78
N GLU B 79 12.45 -23.83 -2.38
CA GLU B 79 12.74 -23.41 -1.02
C GLU B 79 11.45 -23.10 -0.28
N TYR B 80 11.43 -23.36 1.02
CA TYR B 80 10.22 -23.18 1.81
C TYR B 80 10.48 -22.37 3.07
N LEU B 81 9.61 -21.40 3.33
CA LEU B 81 9.57 -20.70 4.61
C LEU B 81 8.19 -20.92 5.20
N THR B 82 8.11 -21.34 6.46
CA THR B 82 6.80 -21.68 7.01
C THR B 82 6.38 -20.82 8.20
N LEU B 83 5.14 -20.37 8.14
CA LEU B 83 4.55 -19.49 9.14
C LEU B 83 3.98 -20.26 10.32
N ASP B 84 4.16 -19.71 11.51
CA ASP B 84 3.77 -20.36 12.76
C ASP B 84 2.29 -20.14 13.09
N ASN B 85 1.67 -21.11 13.77
CA ASN B 85 0.26 -21.01 14.10
C ASN B 85 -0.01 -20.16 15.36
N ALA B 86 1.03 -19.96 16.16
CA ALA B 86 0.92 -19.16 17.38
C ALA B 86 0.39 -17.76 17.07
N PHE B 87 0.72 -17.26 15.88
CA PHE B 87 0.21 -15.98 15.44
C PHE B 87 -1.30 -16.04 15.18
N TYR B 88 -1.77 -17.16 14.62
CA TYR B 88 -3.18 -17.31 14.26
C TYR B 88 -4.08 -17.26 15.50
N GLU B 89 -3.67 -17.99 16.53
CA GLU B 89 -4.40 -18.00 17.80
C GLU B 89 -4.48 -16.60 18.39
N THR B 90 -3.33 -15.93 18.42
CA THR B 90 -3.27 -14.57 18.92
C THR B 90 -4.17 -13.66 18.08
N LEU B 91 -4.12 -13.85 16.76
CA LEU B 91 -4.93 -13.06 15.84
C LEU B 91 -6.41 -13.20 16.16
N LEU B 92 -6.84 -14.44 16.41
CA LEU B 92 -8.22 -14.74 16.77
C LEU B 92 -8.61 -14.07 18.08
N SER B 93 -7.79 -14.26 19.11
CA SER B 93 -8.07 -13.66 20.43
C SER B 93 -8.14 -12.14 20.35
N ARG B 94 -7.50 -11.58 19.33
CA ARG B 94 -7.50 -10.13 19.17
C ARG B 94 -8.72 -9.65 18.39
N HIS B 95 -9.49 -10.60 17.86
CA HIS B 95 -10.71 -10.26 17.11
C HIS B 95 -11.91 -11.04 17.63
N HIS B 96 -12.04 -11.09 18.94
CA HIS B 96 -13.17 -11.71 19.64
C HIS B 96 -13.41 -13.16 19.22
N HIS B 97 -12.33 -13.82 18.83
CA HIS B 97 -12.34 -15.22 18.40
C HIS B 97 -13.22 -15.45 17.17
N ASP B 98 -13.45 -14.38 16.42
CA ASP B 98 -14.17 -14.45 15.16
C ASP B 98 -13.16 -14.69 14.02
N PRO B 99 -13.16 -15.91 13.46
CA PRO B 99 -12.22 -16.27 12.39
C PRO B 99 -12.49 -15.51 11.09
N ILE B 100 -13.74 -15.10 10.88
CA ILE B 100 -14.12 -14.38 9.68
C ILE B 100 -13.69 -12.92 9.76
N LYS B 101 -13.88 -12.30 10.91
CA LYS B 101 -13.42 -10.93 11.10
C LYS B 101 -11.89 -10.90 11.16
N SER B 102 -11.31 -11.99 11.67
CA SER B 102 -9.87 -12.18 11.60
C SER B 102 -9.39 -12.24 10.14
N PHE B 103 -10.12 -12.98 9.31
CA PHE B 103 -9.83 -13.07 7.88
C PHE B 103 -9.90 -11.66 7.27
N SER B 104 -10.93 -10.90 7.65
CA SER B 104 -11.12 -9.55 7.13
C SER B 104 -9.93 -8.64 7.46
N ALA B 105 -9.41 -8.72 8.68
CA ALA B 105 -8.26 -7.92 9.08
C ALA B 105 -7.01 -8.33 8.30
N PHE B 106 -6.85 -9.63 8.10
CA PHE B 106 -5.77 -10.18 7.27
C PHE B 106 -5.81 -9.60 5.86
N LEU B 107 -7.03 -9.46 5.34
CA LEU B 107 -7.23 -8.98 3.97
C LEU B 107 -7.09 -7.46 3.83
N THR B 108 -7.41 -6.70 4.87
CA THR B 108 -7.57 -5.26 4.71
C THR B 108 -6.74 -4.39 5.65
N GLU B 109 -6.07 -4.99 6.62
CA GLU B 109 -5.29 -4.24 7.61
C GLU B 109 -3.87 -4.75 7.72
N ARG B 110 -2.95 -3.85 8.08
CA ARG B 110 -1.60 -4.25 8.44
C ARG B 110 -1.67 -4.97 9.77
N ILE B 111 -0.88 -6.04 9.90
CA ILE B 111 -0.77 -6.77 11.15
C ILE B 111 0.70 -6.86 11.53
N PRO B 112 1.14 -5.98 12.45
CA PRO B 112 2.55 -5.84 12.84
C PRO B 112 3.26 -7.16 13.14
N ASP B 113 2.60 -8.03 13.92
CA ASP B 113 3.16 -9.34 14.26
C ASP B 113 3.46 -10.19 13.02
N LEU B 114 2.55 -10.16 12.05
CA LEU B 114 2.76 -10.87 10.80
C LEU B 114 3.95 -10.30 10.03
N GLU B 115 4.08 -8.98 10.02
CA GLU B 115 5.17 -8.33 9.30
C GLU B 115 6.52 -8.70 9.91
N THR B 116 6.55 -8.77 11.23
CA THR B 116 7.76 -9.17 11.94
C THR B 116 8.18 -10.58 11.53
N GLU B 117 7.22 -11.50 11.50
CA GLU B 117 7.53 -12.88 11.16
C GLU B 117 7.96 -13.01 9.70
N LEU B 118 7.27 -12.30 8.81
CA LEU B 118 7.64 -12.31 7.40
C LEU B 118 9.05 -11.77 7.19
N HIS B 119 9.38 -10.68 7.88
CA HIS B 119 10.72 -10.12 7.80
C HIS B 119 11.76 -11.11 8.34
N ALA B 120 11.44 -11.79 9.43
CA ALA B 120 12.37 -12.74 10.04
C ALA B 120 12.60 -13.97 9.15
N LEU B 121 11.54 -14.48 8.55
CA LEU B 121 11.64 -15.62 7.64
C LEU B 121 12.46 -15.27 6.40
N LEU B 122 12.16 -14.12 5.80
CA LEU B 122 12.86 -13.64 4.62
C LEU B 122 14.31 -13.39 4.92
N ASP B 123 14.57 -12.97 6.15
CA ASP B 123 15.92 -12.65 6.58
C ASP B 123 16.59 -13.86 7.23
N SER B 124 15.84 -14.95 7.38
CA SER B 124 16.35 -16.11 8.09
C SER B 124 17.63 -16.62 7.45
N LYS B 125 17.57 -16.98 6.17
CA LYS B 125 18.78 -17.48 5.51
C LYS B 125 19.29 -16.43 4.49
N LYS B 126 20.58 -16.11 4.52
CA LYS B 126 21.18 -15.09 3.66
C LYS B 126 21.07 -15.46 2.18
N GLY B 127 20.73 -14.50 1.35
CA GLY B 127 20.62 -14.75 -0.08
C GLY B 127 19.22 -14.75 -0.65
N ILE B 128 18.25 -14.99 0.23
CA ILE B 128 16.87 -15.14 -0.18
C ILE B 128 16.26 -13.88 -0.80
N ILE B 129 16.33 -12.76 -0.09
CA ILE B 129 15.67 -11.53 -0.52
C ILE B 129 16.22 -10.99 -1.84
N ASP B 130 17.53 -11.08 -2.03
CA ASP B 130 18.15 -10.56 -3.25
C ASP B 130 17.80 -11.38 -4.49
N GLN B 131 17.34 -12.62 -4.28
CA GLN B 131 16.98 -13.49 -5.40
C GLN B 131 15.47 -13.45 -5.70
N ILE B 132 14.74 -12.60 -4.99
CA ILE B 132 13.31 -12.44 -5.20
C ILE B 132 13.05 -11.38 -6.27
N ASP B 133 12.41 -11.78 -7.37
CA ASP B 133 12.07 -10.85 -8.44
C ASP B 133 10.75 -10.18 -8.16
N THR B 134 9.85 -10.92 -7.52
CA THR B 134 8.52 -10.42 -7.18
C THR B 134 7.86 -11.32 -6.14
N PHE B 135 6.98 -10.75 -5.33
CA PHE B 135 6.10 -11.55 -4.49
C PHE B 135 4.85 -11.89 -5.29
N ILE B 136 4.24 -13.02 -4.94
CA ILE B 136 2.94 -13.39 -5.47
C ILE B 136 2.03 -13.78 -4.32
N SER B 137 0.82 -13.23 -4.32
CA SER B 137 -0.16 -13.55 -3.29
C SER B 137 -1.49 -13.87 -3.95
N ILE B 138 -2.19 -14.85 -3.40
CA ILE B 138 -3.49 -15.23 -3.93
C ILE B 138 -4.58 -14.27 -3.42
N CYS B 139 -4.24 -13.44 -2.44
CA CYS B 139 -5.19 -12.51 -1.87
C CYS B 139 -4.53 -11.20 -1.45
N ASN B 140 -5.34 -10.17 -1.24
CA ASN B 140 -4.81 -8.94 -0.66
C ASN B 140 -4.25 -9.23 0.72
N CYS B 141 -3.11 -8.61 1.02
CA CYS B 141 -2.51 -8.76 2.33
C CYS B 141 -1.60 -7.56 2.63
N PRO B 142 -2.15 -6.53 3.30
CA PRO B 142 -1.36 -5.31 3.53
C PRO B 142 -0.11 -5.55 4.37
N SER B 143 -0.10 -6.61 5.20
CA SER B 143 1.11 -6.96 5.94
C SER B 143 2.25 -7.27 4.97
N LEU B 144 1.99 -8.16 4.01
CA LEU B 144 2.99 -8.54 3.03
C LEU B 144 3.38 -7.35 2.16
N GLU B 145 2.38 -6.56 1.79
CA GLU B 145 2.60 -5.44 0.89
C GLU B 145 3.47 -4.37 1.55
N HIS B 146 3.30 -4.20 2.87
CA HIS B 146 4.13 -3.26 3.62
C HIS B 146 5.58 -3.75 3.64
N VAL B 147 5.78 -5.03 3.94
CA VAL B 147 7.10 -5.65 3.90
C VAL B 147 7.75 -5.49 2.52
N ALA B 148 6.99 -5.71 1.46
CA ALA B 148 7.51 -5.64 0.11
C ALA B 148 7.99 -4.22 -0.23
N ARG B 149 7.30 -3.20 0.26
CA ARG B 149 7.73 -1.82 0.04
C ARG B 149 9.10 -1.57 0.67
N THR B 150 9.24 -2.02 1.92
CA THR B 150 10.49 -1.87 2.66
C THR B 150 11.65 -2.53 1.90
N LEU B 151 11.40 -3.71 1.33
CA LEU B 151 12.43 -4.44 0.61
C LEU B 151 12.51 -4.04 -0.87
N GLY B 152 11.58 -3.22 -1.32
CA GLY B 152 11.59 -2.76 -2.70
C GLY B 152 11.13 -3.80 -3.71
N LYS B 153 10.18 -4.64 -3.34
CA LYS B 153 9.66 -5.67 -4.23
C LYS B 153 8.20 -5.44 -4.60
N GLU B 154 7.83 -5.85 -5.81
CA GLU B 154 6.44 -5.77 -6.23
C GLU B 154 5.63 -6.95 -5.67
N VAL B 155 4.32 -6.78 -5.60
CA VAL B 155 3.43 -7.86 -5.21
C VAL B 155 2.38 -8.09 -6.31
N MET B 156 2.49 -9.24 -6.98
CA MET B 156 1.46 -9.64 -7.93
C MET B 156 0.36 -10.35 -7.17
N HIS B 157 -0.87 -9.88 -7.35
CA HIS B 157 -2.03 -10.54 -6.77
C HIS B 157 -2.67 -11.39 -7.86
N ILE B 158 -2.68 -12.71 -7.64
CA ILE B 158 -3.02 -13.69 -8.67
C ILE B 158 -4.06 -14.69 -8.16
N GLU B 159 -5.09 -14.92 -8.96
CA GLU B 159 -6.20 -15.78 -8.54
C GLU B 159 -6.88 -16.33 -9.79
N ILE B 160 -7.64 -17.40 -9.66
CA ILE B 160 -8.41 -17.91 -10.79
C ILE B 160 -9.41 -16.83 -11.20
N GLY B 161 -9.63 -16.69 -12.51
CA GLY B 161 -10.46 -15.62 -13.02
C GLY B 161 -11.94 -15.91 -13.00
N PRO B 162 -12.76 -15.00 -13.57
CA PRO B 162 -14.21 -15.10 -13.59
C PRO B 162 -14.74 -16.04 -14.68
N LEU B 163 -13.89 -16.41 -15.63
CA LEU B 163 -14.26 -17.34 -16.69
C LEU B 163 -13.43 -18.61 -16.53
N ARG B 164 -14.11 -19.75 -16.34
CA ARG B 164 -13.42 -20.99 -15.99
C ARG B 164 -13.93 -22.18 -16.78
N ALA B 165 -13.06 -23.17 -16.98
CA ALA B 165 -13.44 -24.42 -17.61
C ALA B 165 -14.45 -25.15 -16.71
N PRO B 166 -15.31 -26.00 -17.30
CA PRO B 166 -15.40 -26.37 -18.71
C PRO B 166 -16.15 -25.35 -19.59
N MET B 167 -16.99 -24.50 -19.00
CA MET B 167 -17.80 -23.56 -19.78
C MET B 167 -16.96 -22.59 -20.62
N TYR B 168 -15.83 -22.13 -20.08
CA TYR B 168 -14.99 -21.14 -20.74
C TYR B 168 -13.52 -21.56 -20.80
N ARG B 169 -12.73 -20.82 -21.56
CA ARG B 169 -11.28 -20.91 -21.45
C ARG B 169 -10.92 -20.53 -20.02
N ASN B 170 -9.97 -21.23 -19.41
CA ASN B 170 -9.51 -20.85 -18.08
C ASN B 170 -8.83 -19.48 -18.10
N THR B 171 -9.26 -18.60 -17.19
CA THR B 171 -8.64 -17.28 -17.07
C THR B 171 -8.13 -17.05 -15.65
N ALA B 172 -7.23 -16.09 -15.49
CA ALA B 172 -6.71 -15.71 -14.18
C ALA B 172 -6.66 -14.20 -14.00
N TYR B 173 -6.62 -13.77 -12.75
CA TYR B 173 -6.32 -12.38 -12.43
C TYR B 173 -4.81 -12.22 -12.22
N LEU B 174 -4.30 -11.05 -12.63
CA LEU B 174 -2.95 -10.62 -12.30
C LEU B 174 -3.01 -9.11 -12.13
N ASP B 175 -2.81 -8.66 -10.90
CA ASP B 175 -3.05 -7.26 -10.55
C ASP B 175 -2.03 -6.82 -9.50
N PHE B 176 -1.28 -5.76 -9.80
CA PHE B 176 -0.22 -5.29 -8.92
C PHE B 176 -0.71 -4.55 -7.69
N ALA B 177 -1.98 -4.13 -7.70
CA ALA B 177 -2.52 -3.37 -6.59
C ALA B 177 -3.40 -4.21 -5.68
N GLY B 178 -4.26 -5.05 -6.27
CA GLY B 178 -5.13 -5.89 -5.48
C GLY B 178 -5.96 -6.85 -6.34
N VAL B 179 -6.38 -7.96 -5.76
CA VAL B 179 -7.22 -8.90 -6.49
C VAL B 179 -8.61 -8.90 -5.85
N ASN B 180 -9.63 -8.81 -6.70
CA ASN B 180 -11.04 -8.68 -6.31
C ASN B 180 -11.37 -7.32 -5.70
N GLY B 181 -10.73 -7.00 -4.58
CA GLY B 181 -10.87 -5.65 -4.02
C GLY B 181 -9.63 -4.83 -4.32
N GLY B 182 -9.81 -3.52 -4.48
CA GLY B 182 -8.70 -2.61 -4.72
C GLY B 182 -7.99 -2.84 -6.05
N THR B 183 -8.73 -3.34 -7.04
CA THR B 183 -8.14 -3.70 -8.32
C THR B 183 -7.74 -2.49 -9.17
N GLU B 184 -6.88 -2.72 -10.17
CA GLU B 184 -6.41 -1.65 -11.05
C GLU B 184 -6.98 -1.76 -12.46
N ALA B 185 -7.99 -2.61 -12.65
CA ALA B 185 -8.60 -2.80 -13.98
C ALA B 185 -9.12 -1.50 -14.59
N SER B 186 -9.94 -0.77 -13.85
CA SER B 186 -10.52 0.45 -14.40
C SER B 186 -9.46 1.51 -14.65
N ALA B 187 -8.45 1.57 -13.79
CA ALA B 187 -7.37 2.54 -13.97
C ALA B 187 -6.62 2.24 -15.26
N ARG B 188 -6.35 0.96 -15.50
CA ARG B 188 -5.65 0.55 -16.71
C ARG B 188 -6.48 0.90 -17.95
N TYR B 189 -7.80 0.71 -17.86
CA TYR B 189 -8.66 0.97 -19.01
C TYR B 189 -8.77 2.46 -19.34
N GLU B 190 -8.94 3.28 -18.31
CA GLU B 190 -9.02 4.72 -18.51
C GLU B 190 -7.79 5.24 -19.25
N LYS B 191 -6.63 4.65 -18.95
CA LYS B 191 -5.37 5.04 -19.59
C LYS B 191 -5.30 4.67 -21.07
N CYS B 192 -5.93 3.57 -21.47
CA CYS B 192 -5.76 3.05 -22.82
C CYS B 192 -7.03 2.93 -23.64
N GLN B 193 -8.12 3.55 -23.19
CA GLN B 193 -9.43 3.29 -23.79
C GLN B 193 -9.53 3.76 -25.24
N ALA B 194 -8.72 4.74 -25.62
CA ALA B 194 -8.71 5.21 -27.01
C ALA B 194 -8.22 4.12 -27.96
N GLU B 195 -7.42 3.20 -27.44
CA GLU B 195 -6.85 2.14 -28.26
C GLU B 195 -7.85 1.03 -28.56
N PHE B 196 -9.00 1.09 -27.87
CA PHE B 196 -10.01 0.05 -28.02
C PHE B 196 -11.22 0.57 -28.80
N ASP B 197 -11.17 0.36 -30.10
CA ASP B 197 -12.27 0.66 -30.99
C ASP B 197 -12.65 -0.65 -31.66
N ILE B 198 -13.44 -1.44 -30.95
CA ILE B 198 -13.74 -2.81 -31.35
C ILE B 198 -14.96 -2.86 -32.27
N LYS B 199 -14.79 -3.49 -33.43
CA LYS B 199 -15.87 -3.66 -34.38
C LYS B 199 -16.39 -5.09 -34.34
N ALA B 200 -16.89 -5.49 -33.19
CA ALA B 200 -17.47 -6.81 -33.01
C ALA B 200 -18.59 -6.71 -31.99
N SER B 201 -19.50 -7.67 -32.02
CA SER B 201 -20.63 -7.67 -31.12
C SER B 201 -20.21 -8.17 -29.75
N LEU B 202 -21.04 -7.89 -28.76
CA LEU B 202 -20.83 -8.38 -27.41
C LEU B 202 -20.87 -9.91 -27.42
N GLY B 203 -21.75 -10.47 -28.24
CA GLY B 203 -21.88 -11.91 -28.37
C GLY B 203 -20.66 -12.56 -29.00
N ASP B 204 -20.03 -11.84 -29.93
CA ASP B 204 -18.76 -12.28 -30.52
C ASP B 204 -17.67 -12.45 -29.46
N LEU B 205 -17.58 -11.48 -28.55
CA LEU B 205 -16.60 -11.55 -27.46
C LEU B 205 -16.86 -12.74 -26.55
N HIS B 206 -18.13 -12.90 -26.15
CA HIS B 206 -18.54 -14.01 -25.31
C HIS B 206 -18.20 -15.34 -25.98
N ASN B 207 -18.59 -15.46 -27.24
CA ASN B 207 -18.33 -16.67 -28.01
C ASN B 207 -16.86 -17.05 -28.08
N TYR B 208 -15.99 -16.06 -28.11
CA TYR B 208 -14.55 -16.32 -28.17
C TYR B 208 -14.08 -17.08 -26.92
N PHE B 209 -14.71 -16.81 -25.79
CA PHE B 209 -14.27 -17.43 -24.53
C PHE B 209 -15.07 -18.67 -24.16
N LEU B 210 -16.27 -18.79 -24.72
CA LEU B 210 -17.08 -20.01 -24.55
C LEU B 210 -16.41 -21.21 -25.21
N GLU B 211 -16.37 -22.33 -24.49
CA GLU B 211 -15.88 -23.60 -25.04
C GLU B 211 -17.04 -24.40 -25.60
N VAL B 212 -18.26 -23.98 -25.25
CA VAL B 212 -19.46 -24.67 -25.68
C VAL B 212 -20.40 -23.67 -26.36
N LEU B 213 -21.42 -24.17 -27.04
CA LEU B 213 -22.41 -23.28 -27.65
C LEU B 213 -23.37 -22.75 -26.58
N PRO B 214 -23.80 -21.49 -26.72
CA PRO B 214 -24.72 -20.90 -25.75
C PRO B 214 -26.11 -21.52 -25.83
N PRO B 215 -26.89 -21.45 -24.74
CA PRO B 215 -28.18 -22.14 -24.71
C PRO B 215 -29.21 -21.49 -25.63
N ALA B 216 -30.08 -22.30 -26.23
CA ALA B 216 -31.16 -21.79 -27.04
C ALA B 216 -32.05 -20.85 -26.23
N GLU B 217 -32.83 -20.03 -26.94
CA GLU B 217 -33.80 -19.14 -26.34
C GLU B 217 -34.69 -19.88 -25.36
N ALA B 218 -34.76 -19.38 -24.13
CA ALA B 218 -35.50 -20.06 -23.09
C ALA B 218 -37.01 -19.93 -23.26
N ALA B 219 -37.72 -21.01 -22.96
CA ALA B 219 -39.15 -20.94 -22.73
C ALA B 219 -39.38 -20.42 -21.32
N THR B 220 -40.11 -19.32 -21.22
CA THR B 220 -40.42 -18.63 -19.96
C THR B 220 -39.20 -17.91 -19.39
N HIS B 221 -39.39 -16.62 -19.09
CA HIS B 221 -38.35 -15.79 -18.49
C HIS B 221 -38.79 -15.24 -17.13
N SER B 222 -37.86 -15.22 -16.18
CA SER B 222 -38.12 -14.55 -14.91
C SER B 222 -37.63 -13.12 -14.99
N ALA B 223 -38.38 -12.21 -14.36
CA ALA B 223 -38.05 -10.79 -14.41
C ALA B 223 -36.69 -10.51 -13.76
N ALA B 224 -36.43 -11.18 -12.64
CA ALA B 224 -35.21 -10.91 -11.88
C ALA B 224 -34.50 -12.20 -11.45
N GLY B 225 -33.20 -12.26 -11.72
CA GLY B 225 -32.40 -13.40 -11.30
C GLY B 225 -31.44 -12.99 -10.20
N VAL B 226 -31.36 -13.79 -9.14
CA VAL B 226 -30.49 -13.48 -8.02
C VAL B 226 -29.35 -14.47 -7.92
N VAL B 227 -28.14 -13.97 -8.07
CA VAL B 227 -26.93 -14.78 -7.90
C VAL B 227 -26.47 -14.80 -6.44
N LEU B 228 -26.51 -15.96 -5.80
CA LEU B 228 -25.93 -16.10 -4.47
C LEU B 228 -24.48 -16.55 -4.56
N GLN B 229 -23.69 -16.21 -3.55
CA GLN B 229 -22.28 -16.61 -3.51
C GLN B 229 -21.98 -17.44 -2.26
N VAL B 230 -20.74 -17.94 -2.18
CA VAL B 230 -20.26 -18.64 -0.98
C VAL B 230 -20.17 -17.64 0.17
N GLU B 231 -20.79 -17.98 1.29
CA GLU B 231 -21.01 -17.04 2.39
C GLU B 231 -19.73 -16.50 3.04
N ASP B 232 -18.67 -17.28 3.06
CA ASP B 232 -17.42 -16.86 3.70
C ASP B 232 -16.27 -16.71 2.68
N ASP B 233 -16.64 -16.51 1.43
CA ASP B 233 -15.72 -16.10 0.38
C ASP B 233 -15.12 -14.73 0.75
N SER B 234 -13.86 -14.50 0.43
CA SER B 234 -13.23 -13.20 0.69
C SER B 234 -14.04 -12.06 0.06
N ASN B 235 -14.70 -12.36 -1.06
CA ASN B 235 -15.55 -11.38 -1.74
C ASN B 235 -16.75 -10.96 -0.92
N LEU B 236 -17.26 -11.86 -0.08
CA LEU B 236 -18.39 -11.53 0.80
C LEU B 236 -17.93 -11.17 2.21
N ILE B 237 -16.63 -11.15 2.42
CA ILE B 237 -16.08 -10.80 3.73
C ILE B 237 -15.52 -9.38 3.73
N ALA B 238 -14.77 -9.03 2.69
CA ALA B 238 -14.07 -7.75 2.66
C ALA B 238 -14.51 -6.82 1.54
N TYR B 239 -15.03 -7.38 0.44
CA TYR B 239 -15.25 -6.58 -0.76
C TYR B 239 -16.73 -6.43 -1.10
N ASN B 240 -17.58 -6.74 -0.11
CA ASN B 240 -19.02 -6.85 -0.34
C ASN B 240 -19.84 -5.62 0.00
N HIS B 241 -19.19 -4.58 0.51
CA HIS B 241 -19.89 -3.37 0.96
C HIS B 241 -21.00 -3.72 1.94
N ASP B 242 -20.70 -4.63 2.87
CA ASP B 242 -21.63 -5.08 3.92
C ASP B 242 -22.82 -5.91 3.42
N PHE B 243 -22.93 -6.12 2.11
CA PHE B 243 -24.01 -6.96 1.59
C PHE B 243 -23.76 -8.44 1.80
N THR B 244 -24.85 -9.18 2.04
CA THR B 244 -24.79 -10.61 2.23
C THR B 244 -25.79 -11.27 1.30
N ASN B 245 -25.79 -12.60 1.25
CA ASN B 245 -26.79 -13.31 0.45
C ASN B 245 -28.22 -12.92 0.84
N ILE B 246 -28.48 -12.81 2.14
CA ILE B 246 -29.81 -12.50 2.63
C ILE B 246 -30.19 -11.02 2.43
N SER B 247 -29.20 -10.12 2.50
CA SER B 247 -29.53 -8.71 2.29
C SER B 247 -29.66 -8.40 0.80
N LEU B 248 -29.02 -9.22 -0.03
CA LEU B 248 -29.18 -9.12 -1.47
C LEU B 248 -30.59 -9.57 -1.88
N LEU B 249 -31.03 -10.68 -1.30
CA LEU B 249 -32.39 -11.16 -1.51
C LEU B 249 -33.39 -10.09 -1.09
N SER B 250 -33.16 -9.48 0.07
CA SER B 250 -34.03 -8.42 0.56
C SER B 250 -34.05 -7.25 -0.42
N TYR B 251 -32.87 -6.88 -0.93
CA TYR B 251 -32.73 -5.81 -1.92
C TYR B 251 -33.65 -6.01 -3.12
N VAL B 252 -33.61 -7.21 -3.68
CA VAL B 252 -34.43 -7.56 -4.84
C VAL B 252 -35.92 -7.61 -4.48
N ARG B 253 -36.24 -8.10 -3.28
CA ARG B 253 -37.64 -8.19 -2.85
C ARG B 253 -38.27 -6.82 -2.65
N GLN B 254 -37.45 -5.79 -2.49
CA GLN B 254 -37.94 -4.42 -2.42
CA GLN B 254 -37.95 -4.43 -2.42
C GLN B 254 -38.44 -3.98 -3.80
N ARG B 255 -37.95 -4.65 -4.84
CA ARG B 255 -38.23 -4.26 -6.23
C ARG B 255 -39.08 -5.28 -7.00
N TYR B 256 -39.27 -6.47 -6.45
CA TYR B 256 -39.97 -7.53 -7.17
C TYR B 256 -40.76 -8.44 -6.24
N GLU B 257 -41.91 -8.88 -6.72
CA GLU B 257 -42.68 -9.91 -6.02
C GLU B 257 -41.96 -11.25 -6.16
N LYS B 258 -42.16 -12.14 -5.19
CA LYS B 258 -41.48 -13.43 -5.15
C LYS B 258 -41.70 -14.27 -6.42
N GLU B 259 -42.83 -14.06 -7.08
CA GLU B 259 -43.17 -14.84 -8.28
C GLU B 259 -42.34 -14.42 -9.49
N ASP B 260 -41.67 -13.28 -9.37
CA ASP B 260 -40.83 -12.79 -10.47
C ASP B 260 -39.34 -12.99 -10.18
N ILE B 261 -39.05 -13.64 -9.05
CA ILE B 261 -37.66 -13.82 -8.63
C ILE B 261 -37.22 -15.27 -8.82
N LEU B 262 -36.07 -15.42 -9.47
CA LEU B 262 -35.43 -16.74 -9.64
C LEU B 262 -34.07 -16.68 -8.96
N VAL B 263 -33.87 -17.52 -7.94
CA VAL B 263 -32.64 -17.48 -7.16
C VAL B 263 -31.77 -18.70 -7.43
N ARG B 264 -30.49 -18.46 -7.66
CA ARG B 264 -29.56 -19.57 -7.85
C ARG B 264 -28.47 -19.54 -6.79
N ALA B 265 -28.52 -20.52 -5.90
CA ALA B 265 -27.48 -20.68 -4.89
C ALA B 265 -26.17 -21.03 -5.58
N HIS B 266 -25.06 -20.66 -4.96
CA HIS B 266 -23.74 -21.07 -5.41
C HIS B 266 -23.56 -22.56 -5.09
N PRO B 267 -23.21 -23.37 -6.10
CA PRO B 267 -23.02 -24.80 -5.86
C PRO B 267 -21.97 -25.11 -4.80
N GLY B 268 -21.02 -24.19 -4.59
CA GLY B 268 -19.97 -24.38 -3.61
C GLY B 268 -20.34 -24.03 -2.19
N SER B 269 -21.51 -23.40 -2.02
CA SER B 269 -21.96 -22.97 -0.70
C SER B 269 -22.35 -24.14 0.21
N LEU B 270 -22.25 -23.91 1.52
CA LEU B 270 -22.69 -24.89 2.49
C LEU B 270 -24.20 -24.88 2.61
N PHE B 271 -24.82 -23.78 2.21
CA PHE B 271 -26.26 -23.61 2.37
C PHE B 271 -27.01 -23.61 1.05
N ARG B 272 -28.28 -23.99 1.12
CA ARG B 272 -29.16 -23.79 -0.02
CA ARG B 272 -29.18 -23.92 -0.03
C ARG B 272 -30.58 -23.51 0.44
N LEU B 273 -31.34 -22.85 -0.43
CA LEU B 273 -32.67 -22.38 -0.07
C LEU B 273 -33.69 -23.51 0.11
N ARG B 274 -34.61 -23.29 1.03
CA ARG B 274 -35.74 -24.19 1.19
C ARG B 274 -36.64 -24.09 -0.03
N ASP B 275 -37.50 -25.09 -0.23
CA ASP B 275 -38.16 -25.29 -1.51
C ASP B 275 -39.49 -24.56 -1.69
N ASP B 276 -39.88 -23.70 -0.76
CA ASP B 276 -41.28 -23.26 -0.74
C ASP B 276 -41.55 -21.75 -0.81
N VAL B 277 -40.51 -20.91 -0.74
CA VAL B 277 -40.76 -19.48 -0.76
C VAL B 277 -40.25 -18.80 -2.03
N PHE B 278 -39.01 -19.09 -2.44
CA PHE B 278 -38.49 -18.57 -3.69
C PHE B 278 -38.55 -19.64 -4.77
N THR B 279 -38.65 -19.21 -6.02
CA THR B 279 -38.46 -20.12 -7.14
C THR B 279 -36.97 -20.40 -7.25
N ILE B 280 -36.59 -21.66 -7.09
CA ILE B 280 -35.17 -22.04 -7.03
C ILE B 280 -34.66 -22.56 -8.38
N ASP B 281 -33.55 -22.00 -8.83
CA ASP B 281 -32.95 -22.45 -10.08
C ASP B 281 -32.24 -23.80 -9.90
N ASP B 282 -32.33 -24.63 -10.94
CA ASP B 282 -31.62 -25.90 -10.94
C ASP B 282 -30.98 -26.12 -12.32
N SER B 283 -30.56 -25.03 -12.94
CA SER B 283 -29.90 -25.07 -14.24
C SER B 283 -28.57 -25.80 -14.13
N ALA B 284 -28.11 -26.36 -15.25
CA ALA B 284 -26.88 -27.14 -15.28
C ALA B 284 -25.65 -26.25 -15.12
N ASN B 285 -25.82 -24.97 -15.38
CA ASN B 285 -24.74 -24.00 -15.23
C ASN B 285 -25.30 -22.60 -15.11
N SER B 286 -24.48 -21.65 -14.67
CA SER B 286 -24.92 -20.28 -14.46
C SER B 286 -25.35 -19.58 -15.75
N LEU B 287 -24.84 -20.03 -16.89
CA LEU B 287 -25.21 -19.43 -18.16
C LEU B 287 -26.66 -19.78 -18.53
N ALA B 288 -27.05 -21.02 -18.27
CA ALA B 288 -28.42 -21.44 -18.50
C ALA B 288 -29.37 -20.74 -17.53
N PHE B 289 -28.85 -20.41 -16.35
CA PHE B 289 -29.64 -19.68 -15.36
C PHE B 289 -29.86 -18.23 -15.80
N ILE B 290 -28.78 -17.55 -16.18
CA ILE B 290 -28.86 -16.18 -16.69
C ILE B 290 -29.81 -16.07 -17.87
N ASN B 291 -29.76 -17.06 -18.76
CA ASN B 291 -30.59 -17.10 -19.96
C ASN B 291 -32.10 -17.00 -19.68
N GLN B 292 -32.52 -17.43 -18.49
CA GLN B 292 -33.92 -17.38 -18.10
C GLN B 292 -34.32 -16.09 -17.39
N CYS B 293 -33.38 -15.15 -17.27
CA CYS B 293 -33.63 -13.93 -16.51
C CYS B 293 -33.58 -12.68 -17.39
N ASN B 294 -34.43 -11.70 -17.07
CA ASN B 294 -34.47 -10.46 -17.82
C ASN B 294 -33.44 -9.48 -17.29
N GLU B 295 -33.25 -9.49 -15.97
CA GLU B 295 -32.12 -8.78 -15.37
C GLU B 295 -31.56 -9.55 -14.18
N VAL B 296 -30.29 -9.31 -13.88
CA VAL B 296 -29.55 -10.08 -12.89
C VAL B 296 -29.03 -9.19 -11.76
N PHE B 297 -29.08 -9.74 -10.55
CA PHE B 297 -28.61 -9.03 -9.36
C PHE B 297 -27.52 -9.84 -8.67
N THR B 298 -26.44 -9.17 -8.31
CA THR B 298 -25.32 -9.84 -7.68
C THR B 298 -24.60 -8.89 -6.73
N ILE B 299 -23.83 -9.46 -5.80
CA ILE B 299 -22.92 -8.66 -4.99
C ILE B 299 -21.66 -8.45 -5.80
N ASN B 300 -20.89 -9.51 -6.01
CA ASN B 300 -19.71 -9.42 -6.86
C ASN B 300 -19.29 -10.78 -7.41
N SER B 301 -20.27 -11.60 -7.76
CA SER B 301 -19.99 -12.92 -8.32
C SER B 301 -19.39 -12.86 -9.72
N SER B 302 -18.60 -13.88 -10.06
CA SER B 302 -18.13 -14.07 -11.43
C SER B 302 -19.29 -14.09 -12.43
N VAL B 303 -20.44 -14.58 -11.99
CA VAL B 303 -21.63 -14.67 -12.84
C VAL B 303 -22.12 -13.27 -13.24
N GLY B 304 -21.76 -12.26 -12.45
CA GLY B 304 -22.09 -10.90 -12.81
C GLY B 304 -21.47 -10.52 -14.16
N LEU B 305 -20.21 -10.87 -14.34
CA LEU B 305 -19.53 -10.63 -15.62
C LEU B 305 -20.23 -11.36 -16.75
N GLU B 306 -20.67 -12.58 -16.46
CA GLU B 306 -21.35 -13.43 -17.44
C GLU B 306 -22.65 -12.79 -17.92
N ALA B 307 -23.38 -12.21 -16.99
CA ALA B 307 -24.63 -11.53 -17.32
C ALA B 307 -24.33 -10.33 -18.23
N ILE B 308 -23.27 -9.60 -17.91
CA ILE B 308 -22.87 -8.45 -18.68
C ILE B 308 -22.50 -8.85 -20.12
N LEU B 309 -21.75 -9.94 -20.23
CA LEU B 309 -21.32 -10.44 -21.53
C LEU B 309 -22.46 -10.97 -22.42
N THR B 310 -23.61 -11.26 -21.80
CA THR B 310 -24.79 -11.66 -22.57
C THR B 310 -25.75 -10.50 -22.79
N GLY B 311 -25.36 -9.31 -22.34
CA GLY B 311 -26.14 -8.11 -22.61
C GLY B 311 -27.32 -7.91 -21.68
N LYS B 312 -27.34 -8.63 -20.56
CA LYS B 312 -28.42 -8.50 -19.60
C LYS B 312 -28.16 -7.30 -18.69
N LYS B 313 -29.23 -6.60 -18.32
CA LYS B 313 -29.11 -5.54 -17.34
C LYS B 313 -28.69 -6.18 -16.03
N THR B 314 -27.65 -5.61 -15.42
CA THR B 314 -27.01 -6.24 -14.28
C THR B 314 -26.81 -5.23 -13.16
N THR B 315 -27.15 -5.62 -11.94
CA THR B 315 -26.90 -4.81 -10.76
C THR B 315 -25.79 -5.45 -9.93
N VAL B 316 -24.76 -4.64 -9.63
CA VAL B 316 -23.57 -5.09 -8.93
C VAL B 316 -23.39 -4.30 -7.65
N LEU B 317 -23.60 -4.94 -6.50
CA LEU B 317 -23.66 -4.20 -5.24
C LEU B 317 -22.33 -4.17 -4.49
N GLY B 318 -21.43 -5.10 -4.83
CA GLY B 318 -20.13 -5.16 -4.19
C GLY B 318 -19.00 -4.62 -5.08
N ASP B 319 -17.82 -4.50 -4.50
CA ASP B 319 -16.63 -4.11 -5.25
C ASP B 319 -16.10 -5.33 -6.00
N CYS B 320 -15.67 -5.10 -7.25
CA CYS B 320 -15.08 -6.15 -8.07
C CYS B 320 -14.41 -5.55 -9.31
N SER B 321 -13.57 -6.35 -9.96
CA SER B 321 -12.76 -5.89 -11.08
C SER B 321 -13.57 -5.50 -12.33
N TYR B 322 -14.74 -6.10 -12.52
CA TYR B 322 -15.51 -5.88 -13.75
C TYR B 322 -16.58 -4.81 -13.59
N ALA B 323 -16.71 -4.26 -12.39
CA ALA B 323 -17.75 -3.28 -12.10
C ALA B 323 -17.70 -2.06 -13.04
N PHE B 324 -16.51 -1.58 -13.37
CA PHE B 324 -16.39 -0.38 -14.22
C PHE B 324 -17.03 -0.59 -15.58
N ILE B 325 -17.05 -1.84 -16.06
CA ILE B 325 -17.73 -2.14 -17.31
C ILE B 325 -19.21 -1.83 -17.19
N ASN B 326 -19.79 -2.23 -16.07
CA ASN B 326 -21.23 -2.10 -15.85
C ASN B 326 -21.69 -0.65 -15.71
N GLU B 327 -20.75 0.24 -15.39
CA GLU B 327 -21.09 1.64 -15.12
C GLU B 327 -21.17 2.49 -16.39
N LEU B 328 -20.85 1.91 -17.54
CA LEU B 328 -20.92 2.64 -18.80
C LEU B 328 -22.35 2.65 -19.33
N ALA B 329 -22.69 3.67 -20.11
CA ALA B 329 -24.06 3.85 -20.59
C ALA B 329 -24.29 3.20 -21.95
N GLY B 330 -23.34 3.35 -22.86
CA GLY B 330 -23.49 2.87 -24.22
C GLY B 330 -23.07 1.43 -24.47
N ALA B 331 -23.82 0.75 -25.33
CA ALA B 331 -23.59 -0.65 -25.67
C ALA B 331 -22.23 -0.86 -26.34
N SER B 332 -21.89 0.02 -27.27
CA SER B 332 -20.60 -0.02 -27.95
C SER B 332 -19.45 0.33 -27.00
N ALA B 333 -19.67 1.31 -26.12
CA ALA B 333 -18.67 1.61 -25.10
C ALA B 333 -18.46 0.40 -24.19
N THR B 334 -19.54 -0.31 -23.89
CA THR B 334 -19.47 -1.50 -23.04
C THR B 334 -18.66 -2.61 -23.72
N VAL B 335 -18.87 -2.78 -25.03
CA VAL B 335 -18.10 -3.73 -25.82
C VAL B 335 -16.61 -3.44 -25.73
N ASN B 336 -16.24 -2.18 -25.94
CA ASN B 336 -14.83 -1.77 -25.91
C ASN B 336 -14.17 -2.08 -24.58
N ALA B 337 -14.86 -1.70 -23.50
CA ALA B 337 -14.37 -1.95 -22.16
C ALA B 337 -14.27 -3.45 -21.86
N ALA B 338 -15.28 -4.20 -22.29
CA ALA B 338 -15.29 -5.65 -22.05
C ALA B 338 -14.13 -6.30 -22.79
N ALA B 339 -13.80 -5.77 -23.97
CA ALA B 339 -12.68 -6.25 -24.76
C ALA B 339 -11.35 -6.05 -24.03
N PHE B 340 -11.16 -4.86 -23.48
CA PHE B 340 -9.97 -4.62 -22.66
C PHE B 340 -9.91 -5.60 -21.51
N TYR B 341 -11.04 -5.77 -20.82
CA TYR B 341 -11.11 -6.61 -19.64
C TYR B 341 -10.74 -8.05 -19.94
N LEU B 342 -11.31 -8.58 -21.01
CA LEU B 342 -11.15 -9.99 -21.36
C LEU B 342 -9.78 -10.30 -21.95
N PHE B 343 -9.25 -9.38 -22.73
CA PHE B 343 -8.03 -9.65 -23.50
C PHE B 343 -6.77 -9.05 -22.86
N SER B 344 -6.94 -8.07 -21.98
CA SER B 344 -5.76 -7.42 -21.41
C SER B 344 -5.72 -7.51 -19.88
N TYR B 345 -6.86 -7.30 -19.22
CA TYR B 345 -6.87 -7.43 -17.76
C TYR B 345 -6.79 -8.90 -17.36
N LEU B 346 -7.69 -9.72 -17.88
CA LEU B 346 -7.65 -11.16 -17.65
C LEU B 346 -6.45 -11.78 -18.36
N VAL B 347 -5.91 -12.84 -17.76
CA VAL B 347 -4.75 -13.54 -18.32
C VAL B 347 -5.12 -14.99 -18.61
N PRO B 348 -4.66 -15.54 -19.74
CA PRO B 348 -4.83 -16.99 -19.93
C PRO B 348 -4.30 -17.72 -18.70
N PHE B 349 -5.11 -18.60 -18.11
CA PHE B 349 -4.85 -19.19 -16.80
C PHE B 349 -3.44 -19.78 -16.63
N ASP B 350 -2.97 -20.56 -17.59
CA ASP B 350 -1.67 -21.22 -17.44
C ASP B 350 -0.51 -20.22 -17.34
N LEU B 351 -0.65 -19.07 -17.99
CA LEU B 351 0.45 -18.10 -18.05
C LEU B 351 0.83 -17.46 -16.72
N VAL B 352 -0.11 -17.28 -15.80
CA VAL B 352 0.23 -16.67 -14.50
C VAL B 352 1.09 -17.63 -13.64
N PHE B 353 1.24 -18.87 -14.09
CA PHE B 353 2.11 -19.83 -13.42
C PHE B 353 3.38 -20.06 -14.25
N ASN B 354 3.53 -19.28 -15.30
CA ASN B 354 4.69 -19.37 -16.17
C ASN B 354 5.68 -18.25 -15.86
N GLN B 355 6.88 -18.64 -15.41
CA GLN B 355 7.86 -17.67 -14.92
C GLN B 355 8.30 -16.66 -15.99
N GLU B 356 8.39 -17.14 -17.23
CA GLU B 356 8.76 -16.26 -18.34
C GLU B 356 7.69 -15.19 -18.58
N TYR B 357 6.44 -15.58 -18.47
CA TYR B 357 5.35 -14.62 -18.62
C TYR B 357 5.38 -13.63 -17.47
N LEU B 358 5.62 -14.13 -16.27
CA LEU B 358 5.61 -13.29 -15.08
C LEU B 358 6.72 -12.24 -15.14
N LYS B 359 7.89 -12.61 -15.66
CA LYS B 359 8.98 -11.64 -15.78
C LYS B 359 8.65 -10.61 -16.86
N PHE B 360 7.94 -11.04 -17.90
CA PHE B 360 7.42 -10.13 -18.91
C PHE B 360 6.50 -9.06 -18.30
N ARG B 361 5.51 -9.48 -17.52
CA ARG B 361 4.61 -8.55 -16.85
C ARG B 361 5.34 -7.67 -15.82
N LEU B 362 6.38 -8.23 -15.22
CA LEU B 362 7.15 -7.51 -14.21
C LEU B 362 7.90 -6.33 -14.82
N GLY B 363 8.08 -6.35 -16.13
CA GLY B 363 8.70 -5.24 -16.84
C GLY B 363 7.70 -4.13 -17.18
N HIS B 364 6.45 -4.33 -16.77
CA HIS B 364 5.35 -3.41 -17.06
C HIS B 364 5.29 -2.92 -18.50
N PRO B 365 4.98 -3.83 -19.44
CA PRO B 365 4.87 -3.52 -20.86
C PRO B 365 3.57 -2.80 -21.23
N GLU B 366 3.55 -2.21 -22.41
CA GLU B 366 2.36 -1.54 -22.92
C GLU B 366 1.20 -2.52 -23.10
N GLU B 367 -0.02 -2.01 -23.02
CA GLU B 367 -1.23 -2.81 -23.15
C GLU B 367 -1.25 -3.61 -24.46
N ARG B 368 -0.78 -2.99 -25.53
CA ARG B 368 -0.72 -3.64 -26.83
C ARG B 368 0.11 -4.92 -26.79
N GLU B 369 1.24 -4.87 -26.08
CA GLU B 369 2.12 -6.03 -25.93
CA GLU B 369 2.10 -6.03 -25.96
C GLU B 369 1.44 -7.13 -25.11
N ILE B 370 0.76 -6.72 -24.04
CA ILE B 370 0.05 -7.67 -23.18
C ILE B 370 -1.04 -8.42 -23.94
N VAL B 371 -1.90 -7.68 -24.64
CA VAL B 371 -2.94 -8.27 -25.47
C VAL B 371 -2.36 -9.26 -26.49
N GLY B 372 -1.26 -8.86 -27.13
CA GLY B 372 -0.57 -9.72 -28.08
C GLY B 372 -0.12 -11.03 -27.49
N LYS B 373 0.50 -10.98 -26.31
CA LYS B 373 0.95 -12.18 -25.61
C LYS B 373 -0.22 -13.12 -25.30
N HIS B 374 -1.34 -12.53 -24.89
CA HIS B 374 -2.50 -13.33 -24.51
C HIS B 374 -3.14 -13.99 -25.74
N ILE B 375 -3.33 -13.22 -26.80
CA ILE B 375 -3.92 -13.74 -28.04
C ILE B 375 -3.02 -14.81 -28.66
N GLU B 376 -1.71 -14.65 -28.56
CA GLU B 376 -0.77 -15.67 -29.00
C GLU B 376 -1.04 -17.00 -28.29
N PHE B 377 -1.30 -16.93 -26.98
CA PHE B 377 -1.61 -18.14 -26.21
C PHE B 377 -2.96 -18.72 -26.60
N TYR B 378 -3.96 -17.86 -26.71
CA TYR B 378 -5.32 -18.28 -27.06
C TYR B 378 -5.36 -18.92 -28.45
N SER B 379 -4.48 -18.48 -29.34
CA SER B 379 -4.42 -18.98 -30.71
C SER B 379 -3.57 -20.24 -30.82
N ALA B 380 -2.93 -20.60 -29.71
CA ALA B 380 -2.14 -21.83 -29.61
C ALA B 380 -1.04 -21.88 -30.68
N SER B 392 -3.06 -2.64 -35.49
CA SER B 392 -3.31 -1.98 -34.21
C SER B 392 -3.75 -2.98 -33.14
N LEU B 393 -3.98 -2.47 -31.94
CA LEU B 393 -4.51 -3.28 -30.86
C LEU B 393 -5.92 -3.76 -31.19
N SER B 394 -6.76 -2.83 -31.65
CA SER B 394 -8.14 -3.14 -32.00
C SER B 394 -8.23 -4.10 -33.19
N SER B 395 -7.34 -3.95 -34.15
CA SER B 395 -7.36 -4.83 -35.32
C SER B 395 -6.95 -6.25 -34.93
N LEU B 396 -6.06 -6.35 -33.95
CA LEU B 396 -5.60 -7.65 -33.48
C LEU B 396 -6.72 -8.40 -32.78
N ILE B 397 -7.49 -7.67 -31.96
CA ILE B 397 -8.65 -8.25 -31.32
C ILE B 397 -9.76 -8.52 -32.34
N ASN B 398 -10.05 -7.55 -33.20
CA ASN B 398 -11.07 -7.70 -34.24
C ASN B 398 -10.86 -8.95 -35.09
N GLU B 399 -9.60 -9.22 -35.42
CA GLU B 399 -9.27 -10.38 -36.23
C GLU B 399 -9.40 -11.68 -35.45
N ALA B 400 -8.95 -11.66 -34.19
CA ALA B 400 -9.05 -12.82 -33.33
C ALA B 400 -10.50 -13.25 -33.17
N ILE B 401 -11.37 -12.28 -32.95
CA ILE B 401 -12.79 -12.55 -32.79
C ILE B 401 -13.36 -13.19 -34.05
N SER B 402 -12.77 -12.83 -35.20
CA SER B 402 -12.96 -13.57 -36.46
C SER B 402 -14.41 -13.66 -36.90
#